data_7YP7
#
_entry.id   7YP7
#
_cell.length_a   1.00
_cell.length_b   1.00
_cell.length_c   1.00
_cell.angle_alpha   90.00
_cell.angle_beta   90.00
_cell.angle_gamma   90.00
#
_symmetry.space_group_name_H-M   'P 1'
#
loop_
_entity.id
_entity.type
_entity.pdbx_description
1 polymer 'Guanine nucleotide-binding protein G(s) subunit alpha isoforms short'
2 polymer 'Guanine nucleotide-binding protein G(I)/G(S)/G(T) subunit beta-1'
3 polymer 'Guanine nucleotide-binding protein G(I)/G(S)/G(O) subunit gamma-2'
4 polymer 'Nano-body 35'
5 polymer 'Adhesion G-protein coupled receptor G2'
#
loop_
_entity_poly.entity_id
_entity_poly.type
_entity_poly.pdbx_seq_one_letter_code
_entity_poly.pdbx_strand_id
1 'polypeptide(L)'
;MGCLGNSKTEDQRNEEKAQREANKKIEKQLQKDKQVYRATHRLLLLGAGESGKNTIVKQMRILHVNGFNGEGGEEDPQAA
RSNSDGEKATKVQDIKNNLKEAIETIVAAMSNLVPPVELANPENQFRVDYILSVMNVPDFDFPPEFYEHAKALWEDEGVR
ACYERSNEYQLIDCAQYFLDKIDVIKQADYVPSDQDLLRCRVLTSGIFETKFQVDKVNFHMFDVGAQRDERRKWIQCFND
VTAIIFVVASSSYNMVIREDNQTNRLQAALKLFDSIWNNKWLRDTSVILFLNKQDLLAEKVLAGKSKIEDYFPEFARYTT
PEDATPEPGEDPRVTRAKYFIRDEFLRISTASGDGRHYCYPHFTCAVDTENIRRVFNDCRDIIQRMHLRQYELL
;
A
2 'polypeptide(L)'
;MHHHHHHLEVLFQGPGSSQSELDQLRQEAEQLKNQIRDARKACADATLSQITNNIDPVGRIQMRTRRTLRGHLAKIYAMH
WGTDSRLLVSASQDGKLIIWDSYTTNKVHAIPLRSSWVMTCAYAPSGNYVACGGLDNICSIYNLKTREGNVRVSRELAGH
TGYLSCCRFLDDNQIVTSSGDTTCALWDIETGQQTTTFTGHTGDVMSLSLAPDTRLFVSGACDASAKLWDVREGMCRQTF
TGHESDINAICFFPNGNAFATGSDDATCRLFDLRADQELMTYSHDNIICGITSVSFSKSGRLLLAGYDDFNCNVWDALKA
DRAGVLAGHDNRVSCLGVTDDGMAVATGSWDSFLKIWN
;
B
3 'polypeptide(L)' MASNNTASIAQARKLVEQLKMEANIDRIKVSKAAADLMAYCEAHAKEDPLLTPVPASENPFREKKFFCAIL G
4 'polypeptide(L)'
;MKYLLPTAAAGLLLLAAQPAMAQVQLQESGGGLVQPGGSLRLSCAASGFTFSNYKMNWVRQAPGKGLEWVSDISQSGASI
SYTGSVKGRFTISRDNAKNTLYLQMNSLKPEDTAVYYCARCPAPFTRDCFDVTSTTYAYRGQGTQVTVSSHHHHHHEPEA
;
N
5 'polypeptide(L)'
;MKTIIALSYIFCLVFADYKDDDDKLKENGNSSLLSPSAESSLVSLIPYSNGTPDAASEVLSTLNKTEKSKITIVKTFNAS
GVKSQRNICNLSSLCNDSVFFRGEIVFQHDEDHNVTQNQDTANGTFAGVLSLSELKRSELNKTLQTLSETYFIVCATAEA
QSTVNCTFTVKLNETMNVCAMMVTFQTVQIRPMEQCCCSPRTPCPSSPEELEKLQCELQDPIVCLADQPHGPPLSSSSKP
VVPQATIISHVASDFSLAEPLDHALMTPSTPSLTQESNLPSPQPTIPLASSPATDLPVQSVVVSSLPQTDLSHTLSPVQS
SIPSPTTPAPSVPTELVTISTPPGETVVNTSTVSDLEAQVSQMEKALSLGSLEPNLAGEMVNRVSKLLHSPPALLAPLAQ
RLLKVVDAIGLQLNFSSTTISLTSPSLALAVIRVNASNFNTTTFAAQDPTNLQVSLETPPPENSIGAITLPSSLMNNLPA
NDVELASRIQFNFFETPALFQDPSLENLTLISYVISSSVTNMTIKNLTRNVTVALKHINPSPDDLTVKCVFWDLGRNGGK
GGWSSDGCSVKDKRMNETICTCSALASFGILLDLSRTSLPPSQMMALTFITYIGCGLSSIFLSVTLVTYIAFEKIRRDYP
SKILIQLCAALLLLNLIFLLDSWIALYNTRGFCIAVAVFLHYFLLVSFTWMGLEAFHMYLALVKVFNTYIRKYILKFCIV
GWGIPAVVVSIVLTISPDNYGIGSYGKFPNGTPDDFCWINSNVVFYITVVGYFCVIFLLNVSMFIVVLVQLCRIKKKKQL
GAQRKTSIQDLRSIAGLTFLLGITWGFAFFAWGPVNVTFMYLFAIFNTLQGFFIFIFYCAAKENVRKQWRRYLCCGKLFW
FPEKGAILTDTSVKRNDLSIISG
;
R
#
# COMPACT_ATOMS: atom_id res chain seq x y z
N THR A 9 -25.26 22.50 34.37
CA THR A 9 -24.68 21.22 33.97
C THR A 9 -23.15 21.26 34.02
N GLU A 10 -22.60 21.78 35.13
CA GLU A 10 -21.14 21.81 35.25
C GLU A 10 -20.59 20.51 35.81
N ASP A 11 -21.46 19.57 36.20
CA ASP A 11 -20.99 18.29 36.72
C ASP A 11 -20.33 17.45 35.64
N GLN A 12 -20.65 17.72 34.37
CA GLN A 12 -19.89 17.15 33.26
C GLN A 12 -18.46 17.70 33.24
N ARG A 13 -18.29 18.96 33.64
CA ARG A 13 -17.00 19.64 33.48
C ARG A 13 -15.97 19.25 34.53
N ASN A 14 -16.27 18.28 35.39
CA ASN A 14 -15.25 17.81 36.33
C ASN A 14 -14.33 16.80 35.65
N GLU A 15 -14.88 15.67 35.22
CA GLU A 15 -14.03 14.55 34.82
C GLU A 15 -13.58 14.67 33.36
N GLU A 16 -14.32 15.42 32.54
CA GLU A 16 -13.90 15.54 31.15
C GLU A 16 -12.71 16.47 31.01
N LYS A 17 -12.46 17.30 32.02
CA LYS A 17 -11.21 18.03 32.06
C LYS A 17 -10.06 17.13 32.50
N ALA A 18 -10.35 16.10 33.30
CA ALA A 18 -9.37 15.06 33.57
C ALA A 18 -9.19 14.14 32.38
N GLN A 19 -10.24 13.96 31.59
CA GLN A 19 -10.11 13.36 30.27
C GLN A 19 -9.27 14.24 29.36
N ARG A 20 -9.43 15.56 29.50
CA ARG A 20 -8.70 16.50 28.64
C ARG A 20 -7.22 16.53 28.99
N GLU A 21 -6.86 16.31 30.26
CA GLU A 21 -5.44 16.25 30.59
C GLU A 21 -4.88 14.85 30.36
N ALA A 22 -5.75 13.84 30.31
CA ALA A 22 -5.31 12.53 29.88
C ALA A 22 -5.05 12.47 28.38
N ASN A 23 -5.63 13.40 27.62
CA ASN A 23 -5.29 13.51 26.21
C ASN A 23 -3.94 14.19 25.99
N LYS A 24 -3.52 15.07 26.89
CA LYS A 24 -2.29 15.81 26.63
C LYS A 24 -1.06 15.09 27.16
N LYS A 25 -1.25 14.13 28.08
CA LYS A 25 -0.12 13.30 28.50
C LYS A 25 0.20 12.25 27.45
N ILE A 26 -0.80 11.81 26.70
CA ILE A 26 -0.62 10.85 25.63
C ILE A 26 0.10 11.51 24.48
N GLU A 27 -0.32 12.73 24.14
CA GLU A 27 0.24 13.44 23.00
C GLU A 27 1.69 13.85 23.23
N LYS A 28 2.10 13.98 24.50
CA LYS A 28 3.48 14.31 24.78
C LYS A 28 4.40 13.11 24.53
N GLN A 29 3.91 11.91 24.77
CA GLN A 29 4.72 10.72 24.52
C GLN A 29 4.76 10.37 23.04
N LEU A 30 3.70 10.72 22.30
CA LEU A 30 3.71 10.47 20.87
C LEU A 30 4.63 11.44 20.14
N GLN A 31 4.92 12.60 20.74
CA GLN A 31 5.92 13.48 20.15
C GLN A 31 7.32 12.92 20.30
N LYS A 32 7.60 12.24 21.41
CA LYS A 32 8.90 11.59 21.57
C LYS A 32 9.02 10.33 20.74
N ASP A 33 7.90 9.71 20.37
CA ASP A 33 7.92 8.49 19.59
C ASP A 33 7.94 8.77 18.10
N LYS A 34 7.40 9.91 17.68
CA LYS A 34 7.53 10.33 16.29
C LYS A 34 8.98 10.62 15.94
N GLN A 35 9.73 11.22 16.87
CA GLN A 35 11.10 11.63 16.63
C GLN A 35 12.04 10.46 16.40
N VAL A 36 11.77 9.29 16.96
CA VAL A 36 12.60 8.12 16.75
C VAL A 36 12.05 7.19 15.69
N TYR A 37 10.77 7.33 15.31
CA TYR A 37 10.26 6.59 14.17
C TYR A 37 10.70 7.24 12.87
N ARG A 38 10.82 8.57 12.86
CA ARG A 38 11.13 9.31 11.64
C ARG A 38 12.58 9.24 11.24
N ALA A 39 13.43 8.59 12.02
CA ALA A 39 14.86 8.58 11.76
C ALA A 39 15.44 7.20 11.98
N THR A 40 14.80 6.17 11.45
CA THR A 40 15.26 4.81 11.73
C THR A 40 15.40 3.89 10.53
N HIS A 41 14.75 4.18 9.39
CA HIS A 41 15.10 3.61 8.07
C HIS A 41 15.04 2.08 8.01
N ARG A 42 13.81 1.56 8.05
CA ARG A 42 13.59 0.12 8.01
C ARG A 42 14.00 -0.48 6.67
N LEU A 43 14.58 -1.69 6.73
CA LEU A 43 14.93 -2.48 5.55
C LEU A 43 14.38 -3.89 5.69
N LEU A 44 14.03 -4.49 4.57
CA LEU A 44 13.56 -5.88 4.53
C LEU A 44 14.54 -6.74 3.73
N LEU A 45 15.03 -7.79 4.35
CA LEU A 45 16.04 -8.66 3.75
C LEU A 45 15.38 -9.99 3.43
N LEU A 46 15.29 -10.33 2.15
CA LEU A 46 14.76 -11.62 1.77
C LEU A 46 15.63 -12.22 0.69
N GLY A 47 15.78 -13.54 0.74
CA GLY A 47 16.58 -14.22 -0.26
C GLY A 47 15.94 -15.53 -0.62
N ALA A 48 16.66 -16.31 -1.43
CA ALA A 48 16.18 -17.64 -1.76
C ALA A 48 16.35 -18.59 -0.58
N GLY A 49 17.28 -18.29 0.32
CA GLY A 49 17.43 -19.06 1.53
C GLY A 49 18.82 -19.65 1.72
N GLU A 50 19.51 -19.93 0.60
CA GLU A 50 20.80 -20.60 0.69
C GLU A 50 21.89 -19.63 1.13
N SER A 51 21.93 -18.44 0.55
CA SER A 51 22.89 -17.43 0.98
C SER A 51 22.42 -16.75 2.26
N GLY A 52 21.26 -16.08 2.17
CA GLY A 52 20.57 -15.61 3.37
C GLY A 52 21.29 -14.47 4.05
N LYS A 53 21.59 -14.65 5.33
CA LYS A 53 22.29 -13.66 6.13
C LYS A 53 23.77 -13.94 6.26
N ASN A 54 24.35 -14.69 5.32
CA ASN A 54 25.79 -14.90 5.33
C ASN A 54 26.52 -13.65 4.87
N THR A 55 25.88 -12.81 4.07
CA THR A 55 26.50 -11.61 3.54
C THR A 55 25.99 -10.35 4.23
N ILE A 56 24.69 -10.10 4.19
CA ILE A 56 24.15 -8.89 4.79
C ILE A 56 24.01 -9.13 6.28
N VAL A 57 25.05 -8.83 7.03
CA VAL A 57 25.07 -9.02 8.47
C VAL A 57 26.14 -8.13 9.06
N LYS A 58 25.87 -7.61 10.26
CA LYS A 58 26.83 -6.83 11.02
C LYS A 58 27.38 -7.70 12.14
N GLN A 59 28.70 -7.88 12.14
CA GLN A 59 29.36 -8.72 13.13
C GLN A 59 29.38 -8.09 14.51
N SER A 205 10.36 -18.38 16.59
CA SER A 205 10.14 -16.95 16.43
C SER A 205 9.79 -16.62 14.99
N GLY A 206 9.05 -15.54 14.79
CA GLY A 206 8.58 -15.15 13.48
C GLY A 206 9.58 -14.24 12.82
N ILE A 207 9.34 -12.93 12.88
CA ILE A 207 10.29 -11.98 12.33
C ILE A 207 11.55 -11.93 13.19
N PHE A 208 12.71 -12.01 12.55
CA PHE A 208 13.99 -11.73 13.18
C PHE A 208 14.36 -10.29 12.90
N GLU A 209 14.90 -9.60 13.91
CA GLU A 209 15.02 -8.16 13.91
C GLU A 209 16.42 -7.74 14.34
N THR A 210 17.27 -7.38 13.38
CA THR A 210 18.63 -6.95 13.66
C THR A 210 18.82 -5.51 13.23
N LYS A 211 19.50 -4.74 14.07
CA LYS A 211 19.72 -3.31 13.85
C LYS A 211 21.20 -2.98 13.96
N PHE A 212 21.57 -1.84 13.38
CA PHE A 212 22.97 -1.43 13.27
C PHE A 212 23.02 0.06 12.97
N GLN A 213 24.23 0.58 12.86
CA GLN A 213 24.46 2.02 12.73
C GLN A 213 25.71 2.25 11.90
N VAL A 214 25.60 3.11 10.89
CA VAL A 214 26.70 3.28 9.95
C VAL A 214 27.53 4.52 10.28
N ASP A 215 26.92 5.70 10.18
CA ASP A 215 27.59 6.98 10.37
C ASP A 215 26.80 7.85 11.31
N LYS A 216 26.47 7.30 12.48
CA LYS A 216 25.51 7.83 13.46
C LYS A 216 24.13 8.01 12.84
N VAL A 217 23.78 7.13 11.91
CA VAL A 217 22.43 6.99 11.38
C VAL A 217 22.01 5.53 11.56
N ASN A 218 20.82 5.34 12.14
CA ASN A 218 20.41 4.03 12.62
C ASN A 218 19.50 3.33 11.62
N PHE A 219 19.62 2.00 11.54
CA PHE A 219 18.90 1.19 10.57
C PHE A 219 18.17 0.05 11.27
N HIS A 220 17.25 -0.56 10.52
CA HIS A 220 16.56 -1.77 10.92
C HIS A 220 16.55 -2.74 9.76
N MET A 221 16.78 -4.01 10.05
CA MET A 221 16.68 -5.05 9.04
C MET A 221 15.84 -6.20 9.59
N PHE A 222 14.96 -6.73 8.75
CA PHE A 222 14.04 -7.78 9.16
C PHE A 222 14.17 -8.97 8.21
N ASP A 223 14.53 -10.12 8.74
CA ASP A 223 14.47 -11.37 8.01
C ASP A 223 13.24 -12.14 8.46
N VAL A 224 12.50 -12.65 7.50
CA VAL A 224 11.25 -13.34 7.79
C VAL A 224 11.50 -14.84 7.94
N GLY A 225 11.14 -15.37 9.09
CA GLY A 225 11.27 -16.79 9.36
C GLY A 225 9.98 -17.30 9.96
N ALA A 226 9.86 -18.63 9.94
CA ALA A 226 8.73 -19.42 10.40
C ALA A 226 7.43 -19.05 9.70
N GLN A 227 7.48 -18.61 8.45
CA GLN A 227 6.29 -18.40 7.65
C GLN A 227 6.24 -19.41 6.52
N ARG A 228 5.05 -19.60 5.96
CA ARG A 228 4.88 -20.52 4.83
C ARG A 228 5.40 -19.90 3.55
N ASP A 229 5.44 -20.68 2.47
CA ASP A 229 6.00 -20.25 1.22
C ASP A 229 4.97 -19.67 0.26
N GLU A 230 3.80 -19.29 0.76
CA GLU A 230 2.79 -18.61 -0.04
C GLU A 230 2.84 -17.13 0.31
N ARG A 231 3.49 -16.34 -0.55
CA ARG A 231 3.90 -14.99 -0.23
C ARG A 231 2.94 -13.91 -0.71
N ARG A 232 1.78 -14.26 -1.26
CA ARG A 232 0.94 -13.22 -1.85
C ARG A 232 0.26 -12.37 -0.80
N LYS A 233 0.15 -12.86 0.43
CA LYS A 233 -0.14 -12.05 1.58
C LYS A 233 1.17 -11.89 2.36
N TRP A 234 1.16 -10.97 3.33
CA TRP A 234 2.27 -10.58 4.21
C TRP A 234 3.48 -9.97 3.49
N ILE A 235 3.50 -9.96 2.16
CA ILE A 235 4.54 -9.22 1.47
C ILE A 235 4.11 -7.78 1.31
N GLN A 236 2.81 -7.52 1.36
CA GLN A 236 2.30 -6.16 1.28
C GLN A 236 2.23 -5.49 2.64
N CYS A 237 2.74 -6.12 3.68
CA CYS A 237 3.04 -5.45 4.93
C CYS A 237 4.34 -4.67 4.86
N PHE A 238 5.15 -4.88 3.83
CA PHE A 238 6.42 -4.21 3.65
C PHE A 238 6.35 -3.45 2.34
N ASN A 239 5.72 -2.28 2.38
CA ASN A 239 5.65 -1.42 1.21
C ASN A 239 6.16 -0.02 1.47
N ASP A 240 6.23 0.41 2.73
CA ASP A 240 6.83 1.68 3.08
C ASP A 240 8.23 1.52 3.66
N VAL A 241 8.91 0.43 3.36
CA VAL A 241 10.31 0.28 3.72
C VAL A 241 11.12 1.08 2.72
N THR A 242 12.38 1.34 3.03
CA THR A 242 13.21 2.08 2.09
C THR A 242 13.71 1.19 0.97
N ALA A 243 14.04 -0.06 1.25
CA ALA A 243 14.58 -0.95 0.23
C ALA A 243 14.27 -2.40 0.60
N ILE A 244 14.46 -3.27 -0.39
CA ILE A 244 14.27 -4.71 -0.22
C ILE A 244 15.59 -5.36 -0.65
N ILE A 245 16.40 -5.78 0.32
CA ILE A 245 17.69 -6.38 -0.02
C ILE A 245 17.46 -7.80 -0.53
N PHE A 246 17.63 -8.00 -1.82
CA PHE A 246 17.38 -9.27 -2.48
C PHE A 246 18.69 -9.99 -2.74
N VAL A 247 18.84 -11.19 -2.18
CA VAL A 247 20.09 -11.93 -2.30
C VAL A 247 19.88 -13.15 -3.18
N VAL A 248 20.75 -13.29 -4.18
CA VAL A 248 20.68 -14.35 -5.17
C VAL A 248 21.95 -15.18 -5.08
N ALA A 249 21.80 -16.50 -5.08
CA ALA A 249 22.92 -17.43 -4.97
C ALA A 249 23.88 -17.35 -6.15
N SER A 250 23.38 -17.10 -7.35
CA SER A 250 24.14 -16.73 -8.55
C SER A 250 25.18 -17.77 -8.97
N SER A 251 25.05 -19.02 -8.55
CA SER A 251 25.96 -20.07 -8.96
C SER A 251 25.17 -21.35 -9.20
N SER A 252 23.90 -21.20 -9.60
CA SER A 252 22.97 -22.30 -9.72
C SER A 252 23.09 -23.04 -11.05
N TYR A 253 24.03 -23.99 -11.15
CA TYR A 253 24.11 -24.87 -12.31
C TYR A 253 24.18 -26.33 -11.88
N ASN A 254 24.48 -26.59 -10.61
CA ASN A 254 24.54 -27.94 -10.07
C ASN A 254 24.09 -27.91 -8.62
N MET A 255 23.00 -28.59 -8.32
CA MET A 255 22.44 -28.62 -6.98
C MET A 255 23.33 -29.39 -6.00
N THR A 263 16.94 -28.79 -10.97
CA THR A 263 16.67 -27.92 -9.82
C THR A 263 16.42 -26.50 -10.29
N ASN A 264 17.44 -25.91 -10.92
CA ASN A 264 17.41 -24.55 -11.50
C ASN A 264 17.03 -23.50 -10.46
N ARG A 265 17.94 -23.27 -9.50
CA ARG A 265 17.68 -22.29 -8.45
C ARG A 265 17.80 -20.86 -8.96
N LEU A 266 18.41 -20.67 -10.13
CA LEU A 266 18.61 -19.32 -10.65
C LEU A 266 17.36 -18.80 -11.35
N GLN A 267 16.64 -19.68 -12.05
CA GLN A 267 15.44 -19.27 -12.76
C GLN A 267 14.31 -18.96 -11.78
N ALA A 268 14.27 -19.68 -10.66
CA ALA A 268 13.26 -19.47 -9.65
C ALA A 268 13.44 -18.12 -8.97
N ALA A 269 14.69 -17.66 -8.87
CA ALA A 269 14.94 -16.36 -8.28
C ALA A 269 14.51 -15.23 -9.21
N LEU A 270 14.50 -15.50 -10.51
CA LEU A 270 14.11 -14.48 -11.52
C LEU A 270 12.59 -14.30 -11.50
N LYS A 271 11.84 -15.41 -11.37
CA LYS A 271 10.36 -15.36 -11.36
C LYS A 271 9.87 -14.61 -10.11
N LEU A 272 10.60 -14.74 -8.99
CA LEU A 272 10.21 -14.06 -7.73
C LEU A 272 10.41 -12.55 -7.86
N PHE A 273 11.47 -12.14 -8.57
CA PHE A 273 11.78 -10.69 -8.76
C PHE A 273 10.75 -10.07 -9.70
N ASP A 274 10.18 -10.86 -10.60
CA ASP A 274 9.17 -10.36 -11.56
C ASP A 274 7.83 -10.18 -10.84
N SER A 275 7.58 -10.97 -9.80
CA SER A 275 6.31 -10.86 -9.04
C SER A 275 6.41 -9.68 -8.06
N ILE A 276 7.58 -9.50 -7.45
CA ILE A 276 7.81 -8.40 -6.47
C ILE A 276 7.77 -7.05 -7.20
N TRP A 277 8.47 -6.96 -8.35
CA TRP A 277 8.67 -5.64 -9.02
C TRP A 277 7.35 -5.14 -9.61
N ASN A 278 6.50 -6.06 -10.09
CA ASN A 278 5.30 -5.66 -10.81
C ASN A 278 4.03 -5.71 -9.97
N ASN A 279 4.18 -5.93 -8.66
CA ASN A 279 3.13 -6.46 -7.76
C ASN A 279 1.84 -5.64 -7.88
N LYS A 280 1.84 -4.44 -7.28
CA LYS A 280 0.79 -3.39 -7.23
C LYS A 280 1.15 -2.38 -6.15
N TRP A 281 1.34 -2.88 -4.92
CA TRP A 281 1.68 -2.02 -3.75
C TRP A 281 3.20 -1.90 -3.60
N LEU A 282 3.97 -2.72 -4.32
CA LEU A 282 5.41 -2.62 -4.22
C LEU A 282 5.99 -1.88 -5.41
N ARG A 283 5.18 -1.05 -6.06
CA ARG A 283 5.61 -0.34 -7.25
C ARG A 283 6.47 0.87 -6.94
N ASP A 284 6.50 1.31 -5.69
CA ASP A 284 7.28 2.48 -5.32
C ASP A 284 8.48 2.13 -4.47
N THR A 285 8.81 0.85 -4.33
CA THR A 285 9.89 0.41 -3.46
C THR A 285 11.05 -0.07 -4.31
N SER A 286 12.21 0.52 -4.12
CA SER A 286 13.40 0.17 -4.85
C SER A 286 14.06 -1.07 -4.24
N VAL A 287 14.81 -1.78 -5.08
CA VAL A 287 15.39 -3.06 -4.69
C VAL A 287 16.90 -2.97 -4.80
N ILE A 288 17.59 -3.27 -3.70
CA ILE A 288 19.04 -3.45 -3.68
C ILE A 288 19.32 -4.92 -3.87
N LEU A 289 20.02 -5.27 -4.94
CA LEU A 289 20.11 -6.64 -5.42
C LEU A 289 21.54 -7.10 -5.32
N PHE A 290 21.81 -8.07 -4.45
CA PHE A 290 23.15 -8.61 -4.29
C PHE A 290 23.25 -9.96 -4.99
N LEU A 291 24.24 -10.09 -5.86
CA LEU A 291 24.50 -11.34 -6.56
C LEU A 291 25.60 -12.06 -5.79
N ASN A 292 25.19 -12.82 -4.78
CA ASN A 292 26.06 -13.48 -3.82
C ASN A 292 26.81 -14.63 -4.48
N LYS A 293 27.81 -15.15 -3.75
CA LYS A 293 28.35 -16.51 -3.91
C LYS A 293 28.94 -16.72 -5.30
N GLN A 294 30.05 -16.03 -5.54
CA GLN A 294 30.69 -15.96 -6.85
C GLN A 294 31.13 -17.31 -7.38
N ASP A 295 32.13 -17.93 -6.71
CA ASP A 295 32.66 -19.25 -7.05
C ASP A 295 33.07 -19.33 -8.52
N LEU A 296 34.08 -18.52 -8.86
CA LEU A 296 34.42 -18.24 -10.25
C LEU A 296 34.97 -19.47 -10.98
N LEU A 297 35.57 -20.40 -10.27
CA LEU A 297 36.00 -21.65 -10.87
C LEU A 297 35.08 -22.80 -10.53
N ALA A 298 34.75 -22.98 -9.25
CA ALA A 298 33.92 -24.08 -8.82
C ALA A 298 32.49 -23.91 -9.32
N GLU A 299 32.01 -24.93 -10.06
CA GLU A 299 30.68 -24.97 -10.68
C GLU A 299 30.45 -23.77 -11.59
N LYS A 300 31.47 -23.45 -12.38
CA LYS A 300 31.40 -22.28 -13.24
C LYS A 300 32.24 -22.58 -14.49
N VAL A 301 32.54 -21.52 -15.25
CA VAL A 301 33.13 -21.70 -16.56
C VAL A 301 34.66 -21.73 -16.54
N LEU A 302 35.28 -21.35 -15.42
CA LEU A 302 36.73 -21.45 -15.35
C LEU A 302 37.19 -22.90 -15.23
N ALA A 303 36.30 -23.77 -14.77
CA ALA A 303 36.55 -25.21 -14.78
C ALA A 303 35.81 -25.94 -15.89
N GLY A 304 34.70 -25.39 -16.36
CA GLY A 304 33.95 -26.03 -17.42
C GLY A 304 33.22 -27.28 -16.99
N LYS A 305 32.86 -27.38 -15.72
CA LYS A 305 32.15 -28.55 -15.23
C LYS A 305 30.70 -28.55 -15.71
N SER A 306 29.99 -27.45 -15.47
CA SER A 306 28.61 -27.29 -15.90
C SER A 306 28.54 -26.15 -16.90
N LYS A 307 27.61 -26.26 -17.85
CA LYS A 307 27.45 -25.28 -18.91
C LYS A 307 26.22 -24.43 -18.63
N ILE A 308 26.37 -23.12 -18.84
CA ILE A 308 25.23 -22.20 -18.72
C ILE A 308 24.54 -22.01 -20.06
N GLU A 309 25.18 -22.43 -21.16
CA GLU A 309 24.53 -22.42 -22.46
C GLU A 309 23.41 -23.45 -22.56
N ASP A 310 23.36 -24.42 -21.65
CA ASP A 310 22.29 -25.41 -21.62
C ASP A 310 21.17 -25.04 -20.66
N TYR A 311 21.48 -24.25 -19.63
CA TYR A 311 20.43 -23.81 -18.71
C TYR A 311 19.72 -22.58 -19.25
N PHE A 312 20.44 -21.72 -19.96
CA PHE A 312 19.86 -20.64 -20.75
C PHE A 312 20.37 -20.82 -22.16
N PRO A 313 19.51 -20.88 -23.18
CA PRO A 313 20.00 -21.14 -24.54
C PRO A 313 20.70 -19.96 -25.16
N GLU A 314 20.61 -18.78 -24.56
CA GLU A 314 21.48 -17.66 -24.88
C GLU A 314 22.80 -17.85 -24.14
N PHE A 315 23.60 -16.79 -24.05
CA PHE A 315 24.93 -16.64 -23.44
C PHE A 315 26.00 -17.31 -24.32
N ALA A 316 25.63 -18.10 -25.33
CA ALA A 316 26.59 -18.48 -26.35
C ALA A 316 26.68 -17.44 -27.44
N ARG A 317 25.66 -16.59 -27.55
CA ARG A 317 25.63 -15.48 -28.49
C ARG A 317 25.70 -14.12 -27.80
N TYR A 318 26.27 -14.05 -26.60
CA TYR A 318 26.34 -12.82 -25.84
C TYR A 318 27.79 -12.43 -25.61
N THR A 319 28.04 -11.11 -25.66
CA THR A 319 29.36 -10.57 -25.39
C THR A 319 29.32 -9.65 -24.19
N THR A 320 30.49 -9.41 -23.60
CA THR A 320 30.65 -8.53 -22.47
C THR A 320 30.33 -7.10 -22.89
N PRO A 321 29.70 -6.29 -22.00
CA PRO A 321 29.45 -4.88 -22.33
C PRO A 321 30.69 -4.05 -22.57
N GLU A 322 30.50 -2.81 -23.03
CA GLU A 322 31.64 -1.97 -23.38
C GLU A 322 32.43 -1.54 -22.15
N ASP A 323 31.76 -1.30 -21.04
CA ASP A 323 32.40 -0.79 -19.83
C ASP A 323 32.14 -1.78 -18.71
N ALA A 324 32.98 -2.81 -18.63
CA ALA A 324 32.93 -3.78 -17.55
C ALA A 324 34.28 -3.77 -16.83
N THR A 325 34.24 -3.53 -15.53
CA THR A 325 35.46 -3.35 -14.77
C THR A 325 35.88 -4.65 -14.12
N PRO A 326 36.95 -5.28 -14.58
CA PRO A 326 37.35 -6.56 -13.99
C PRO A 326 38.27 -6.36 -12.80
N GLU A 327 38.46 -7.44 -12.08
CA GLU A 327 39.61 -7.46 -11.20
C GLU A 327 40.85 -7.87 -11.99
N PRO A 328 42.01 -7.28 -11.69
CA PRO A 328 43.24 -7.64 -12.42
C PRO A 328 43.66 -9.07 -12.11
N GLY A 329 43.51 -9.94 -13.10
CA GLY A 329 43.76 -11.34 -12.93
C GLY A 329 42.53 -12.20 -13.09
N GLU A 330 41.36 -11.57 -13.16
CA GLU A 330 40.11 -12.31 -13.25
C GLU A 330 39.96 -12.90 -14.65
N ASP A 331 39.35 -14.09 -14.72
CA ASP A 331 39.21 -14.85 -15.93
C ASP A 331 38.36 -14.13 -16.97
N PRO A 332 38.84 -14.06 -18.24
CA PRO A 332 38.09 -13.35 -19.29
C PRO A 332 36.73 -13.92 -19.64
N ARG A 333 36.49 -15.19 -19.32
CA ARG A 333 35.18 -15.75 -19.57
C ARG A 333 34.33 -15.87 -18.30
N VAL A 334 34.90 -15.63 -17.12
CA VAL A 334 34.02 -15.58 -15.95
C VAL A 334 33.42 -14.18 -15.80
N THR A 335 34.05 -13.16 -16.39
CA THR A 335 33.44 -11.85 -16.40
C THR A 335 32.36 -11.76 -17.46
N ARG A 336 32.41 -12.65 -18.45
CA ARG A 336 31.32 -12.74 -19.41
C ARG A 336 30.11 -13.39 -18.78
N ALA A 337 30.34 -14.33 -17.85
CA ALA A 337 29.24 -14.98 -17.17
C ALA A 337 28.67 -14.11 -16.06
N LYS A 338 29.53 -13.36 -15.37
CA LYS A 338 29.08 -12.56 -14.24
C LYS A 338 28.20 -11.41 -14.67
N TYR A 339 28.42 -10.89 -15.87
CA TYR A 339 27.62 -9.79 -16.38
C TYR A 339 26.42 -10.25 -17.19
N PHE A 340 26.33 -11.54 -17.48
CA PHE A 340 25.13 -12.03 -18.15
C PHE A 340 24.00 -12.28 -17.15
N ILE A 341 24.35 -12.77 -15.96
CA ILE A 341 23.34 -13.01 -14.93
C ILE A 341 22.76 -11.70 -14.44
N ARG A 342 23.60 -10.66 -14.35
CA ARG A 342 23.12 -9.33 -14.03
C ARG A 342 22.25 -8.76 -15.15
N ASP A 343 22.53 -9.15 -16.39
CA ASP A 343 21.74 -8.68 -17.52
C ASP A 343 20.52 -9.54 -17.78
N GLU A 344 20.30 -10.60 -17.00
CA GLU A 344 18.98 -11.23 -16.99
C GLU A 344 18.02 -10.46 -16.11
N PHE A 345 18.52 -9.88 -15.01
CA PHE A 345 17.87 -8.75 -14.39
C PHE A 345 18.19 -7.50 -15.21
N LEU A 346 17.68 -6.35 -14.77
CA LEU A 346 17.78 -5.03 -15.40
C LEU A 346 17.13 -4.96 -16.78
N ARG A 347 16.54 -6.05 -17.29
CA ARG A 347 15.60 -6.00 -18.39
C ARG A 347 14.21 -6.38 -17.92
N ILE A 348 14.08 -6.85 -16.69
CA ILE A 348 12.80 -6.79 -16.00
C ILE A 348 12.62 -5.42 -15.38
N SER A 349 13.71 -4.78 -15.00
CA SER A 349 13.65 -3.44 -14.43
C SER A 349 13.38 -2.39 -15.50
N THR A 350 14.21 -2.35 -16.54
CA THR A 350 14.12 -1.25 -17.48
C THR A 350 13.03 -1.43 -18.52
N ALA A 351 12.04 -2.31 -18.31
CA ALA A 351 10.92 -2.41 -19.23
C ALA A 351 9.78 -1.51 -18.81
N SER A 352 9.31 -1.68 -17.57
CA SER A 352 8.16 -0.93 -17.05
C SER A 352 8.67 0.32 -16.35
N GLY A 353 7.97 1.44 -16.56
CA GLY A 353 8.39 2.70 -15.99
C GLY A 353 7.36 3.46 -15.18
N ASP A 354 6.15 2.92 -15.02
CA ASP A 354 5.07 3.70 -14.43
C ASP A 354 5.11 3.68 -12.90
N GLY A 355 5.92 2.79 -12.33
CA GLY A 355 5.96 2.68 -10.89
C GLY A 355 6.82 3.74 -10.22
N ARG A 356 7.90 4.15 -10.90
CA ARG A 356 8.93 5.04 -10.36
C ARG A 356 9.58 4.48 -9.09
N HIS A 357 10.32 3.40 -9.29
CA HIS A 357 11.27 2.83 -8.34
C HIS A 357 12.48 2.39 -9.15
N TYR A 358 13.49 1.83 -8.50
CA TYR A 358 14.74 1.54 -9.18
C TYR A 358 15.17 0.11 -8.89
N CYS A 359 16.33 -0.27 -9.42
CA CYS A 359 16.97 -1.53 -9.08
C CYS A 359 18.47 -1.33 -9.11
N TYR A 360 19.15 -1.73 -8.04
CA TYR A 360 20.58 -1.46 -7.92
C TYR A 360 21.36 -2.76 -7.73
N PRO A 361 22.18 -3.17 -8.69
CA PRO A 361 22.90 -4.43 -8.57
C PRO A 361 24.28 -4.25 -7.94
N HIS A 362 24.76 -5.32 -7.32
CA HIS A 362 26.11 -5.37 -6.77
C HIS A 362 26.64 -6.79 -6.86
N PHE A 363 27.93 -6.92 -6.55
CA PHE A 363 28.60 -8.22 -6.50
C PHE A 363 29.25 -8.37 -5.14
N THR A 364 28.76 -9.31 -4.34
CA THR A 364 29.35 -9.59 -3.04
C THR A 364 30.24 -10.81 -3.15
N CYS A 365 31.16 -10.95 -2.20
CA CYS A 365 32.14 -12.03 -2.23
C CYS A 365 32.28 -12.58 -0.83
N ALA A 366 33.34 -13.36 -0.62
CA ALA A 366 33.63 -13.87 0.71
C ALA A 366 34.08 -12.75 1.64
N VAL A 367 34.94 -11.88 1.14
CA VAL A 367 35.32 -10.67 1.88
C VAL A 367 34.33 -9.58 1.48
N ASP A 368 33.32 -9.37 2.32
CA ASP A 368 32.32 -8.34 2.14
C ASP A 368 32.30 -7.41 3.35
N THR A 369 33.46 -6.88 3.72
CA THR A 369 33.54 -5.94 4.82
C THR A 369 32.86 -4.62 4.48
N GLU A 370 33.03 -4.17 3.24
CA GLU A 370 32.45 -2.92 2.75
C GLU A 370 30.97 -3.02 2.42
N ASN A 371 30.31 -4.12 2.78
CA ASN A 371 28.98 -4.43 2.28
C ASN A 371 27.87 -3.82 3.11
N ILE A 372 28.22 -3.03 4.14
CA ILE A 372 27.22 -2.24 4.83
C ILE A 372 27.37 -0.81 4.34
N ARG A 373 28.43 -0.56 3.56
CA ARG A 373 28.65 0.75 2.99
C ARG A 373 27.92 0.90 1.66
N ARG A 374 27.86 -0.16 0.85
CA ARG A 374 27.14 -0.07 -0.41
C ARG A 374 25.64 -0.07 -0.22
N VAL A 375 25.14 -0.53 0.93
CA VAL A 375 23.73 -0.37 1.23
C VAL A 375 23.48 1.00 1.84
N PHE A 376 24.50 1.60 2.47
CA PHE A 376 24.36 2.95 2.99
C PHE A 376 24.42 3.96 1.87
N ASN A 377 25.31 3.76 0.91
CA ASN A 377 25.48 4.71 -0.18
C ASN A 377 24.33 4.66 -1.17
N ASP A 378 23.51 3.63 -1.13
CA ASP A 378 22.40 3.55 -2.06
C ASP A 378 21.05 3.76 -1.41
N CYS A 379 20.94 3.65 -0.09
CA CYS A 379 19.73 4.15 0.54
C CYS A 379 19.75 5.68 0.61
N ARG A 380 20.93 6.28 0.49
CA ARG A 380 21.04 7.72 0.34
C ARG A 380 20.50 8.16 -1.02
N ASP A 381 20.73 7.34 -2.04
CA ASP A 381 20.21 7.67 -3.37
C ASP A 381 18.70 7.47 -3.45
N ILE A 382 18.14 6.59 -2.61
CA ILE A 382 16.71 6.36 -2.65
C ILE A 382 15.94 7.55 -2.08
N ILE A 383 16.44 8.11 -0.96
CA ILE A 383 15.79 9.26 -0.35
C ILE A 383 15.98 10.51 -1.20
N GLN A 384 17.09 10.60 -1.94
CA GLN A 384 17.32 11.75 -2.80
C GLN A 384 16.36 11.78 -3.97
N ARG A 385 16.07 10.62 -4.55
CA ARG A 385 15.11 10.56 -5.65
C ARG A 385 13.67 10.70 -5.19
N MET A 386 13.42 10.57 -3.88
CA MET A 386 12.08 10.82 -3.36
C MET A 386 11.84 12.31 -3.20
N HIS A 387 12.84 13.03 -2.71
CA HIS A 387 12.70 14.47 -2.50
C HIS A 387 12.78 15.24 -3.80
N LEU A 388 13.51 14.72 -4.79
CA LEU A 388 13.55 15.35 -6.09
C LEU A 388 12.22 15.17 -6.81
N ARG A 389 11.48 14.12 -6.49
CA ARG A 389 10.19 13.91 -7.13
C ARG A 389 9.10 14.78 -6.52
N GLN A 390 9.35 15.36 -5.36
CA GLN A 390 8.37 16.22 -4.72
C GLN A 390 8.23 17.51 -5.53
N TYR A 391 9.35 17.96 -6.09
CA TYR A 391 9.40 19.17 -6.90
C TYR A 391 9.12 18.89 -8.37
N GLU A 392 8.65 17.69 -8.69
CA GLU A 392 8.33 17.25 -10.05
C GLU A 392 9.55 17.30 -10.98
N LEU A 393 10.75 17.14 -10.39
CA LEU A 393 11.98 17.18 -11.16
C LEU A 393 12.29 15.87 -11.86
N LEU A 394 11.91 14.73 -11.28
CA LEU A 394 11.99 13.46 -11.97
C LEU A 394 10.62 12.99 -12.43
N GLN B 19 -2.73 -51.52 -6.80
CA GLN B 19 -4.15 -51.74 -6.51
C GLN B 19 -4.95 -50.41 -6.48
N SER B 20 -4.22 -49.29 -6.66
CA SER B 20 -4.78 -47.99 -7.05
C SER B 20 -5.77 -47.43 -6.03
N GLU B 21 -5.30 -47.10 -4.82
CA GLU B 21 -6.19 -46.58 -3.79
C GLU B 21 -6.48 -45.10 -3.99
N LEU B 22 -5.48 -44.34 -4.47
CA LEU B 22 -5.60 -42.89 -4.51
C LEU B 22 -6.62 -42.42 -5.55
N ASP B 23 -6.67 -43.07 -6.70
CA ASP B 23 -7.52 -42.59 -7.79
C ASP B 23 -8.93 -43.16 -7.75
N GLN B 24 -9.25 -44.01 -6.79
CA GLN B 24 -10.66 -44.33 -6.54
C GLN B 24 -11.19 -43.62 -5.31
N LEU B 25 -10.30 -43.21 -4.40
CA LEU B 25 -10.71 -42.27 -3.35
C LEU B 25 -10.94 -40.90 -3.94
N ARG B 26 -10.15 -40.54 -4.97
CA ARG B 26 -10.38 -39.28 -5.68
C ARG B 26 -11.54 -39.38 -6.65
N GLN B 27 -12.00 -40.59 -6.96
CA GLN B 27 -13.17 -40.73 -7.81
C GLN B 27 -14.44 -40.78 -6.98
N GLU B 28 -14.37 -41.31 -5.76
CA GLU B 28 -15.53 -41.34 -4.89
C GLU B 28 -15.94 -39.93 -4.46
N ALA B 29 -14.96 -39.04 -4.30
CA ALA B 29 -15.27 -37.65 -3.96
C ALA B 29 -15.99 -36.94 -5.10
N GLU B 30 -15.75 -37.36 -6.34
CA GLU B 30 -16.50 -36.80 -7.45
C GLU B 30 -17.94 -37.29 -7.45
N GLN B 31 -18.16 -38.53 -7.03
CA GLN B 31 -19.53 -39.02 -6.87
C GLN B 31 -20.22 -38.34 -5.70
N LEU B 32 -19.48 -38.10 -4.63
CA LEU B 32 -20.08 -37.48 -3.44
C LEU B 32 -20.36 -36.00 -3.67
N LYS B 33 -19.55 -35.34 -4.50
CA LYS B 33 -19.77 -33.92 -4.78
C LYS B 33 -20.94 -33.72 -5.72
N ASN B 34 -21.18 -34.68 -6.61
CA ASN B 34 -22.28 -34.54 -7.56
C ASN B 34 -23.63 -34.76 -6.91
N GLN B 35 -23.67 -35.42 -5.75
CA GLN B 35 -24.91 -35.46 -4.99
C GLN B 35 -25.20 -34.09 -4.37
N ILE B 36 -24.17 -33.42 -3.85
CA ILE B 36 -24.36 -32.18 -3.13
C ILE B 36 -24.76 -31.06 -4.09
N ARG B 37 -24.23 -31.08 -5.31
CA ARG B 37 -24.63 -30.10 -6.30
C ARG B 37 -26.06 -30.33 -6.78
N ASP B 38 -26.47 -31.60 -6.87
CA ASP B 38 -27.82 -31.89 -7.32
C ASP B 38 -28.84 -31.72 -6.21
N ALA B 39 -28.38 -31.78 -4.95
CA ALA B 39 -29.29 -31.55 -3.83
C ALA B 39 -29.62 -30.06 -3.71
N ARG B 40 -28.61 -29.20 -3.87
CA ARG B 40 -28.85 -27.77 -3.82
C ARG B 40 -29.63 -27.28 -5.03
N LYS B 41 -29.42 -27.92 -6.18
CA LYS B 41 -30.19 -27.57 -7.37
C LYS B 41 -31.66 -27.96 -7.23
N ALA B 42 -31.94 -29.01 -6.47
CA ALA B 42 -33.31 -29.46 -6.28
C ALA B 42 -34.12 -28.51 -5.41
N CYS B 43 -33.47 -27.70 -4.58
CA CYS B 43 -34.18 -26.76 -3.71
C CYS B 43 -34.21 -25.35 -4.27
N ALA B 44 -33.70 -25.13 -5.47
CA ALA B 44 -33.64 -23.80 -6.07
C ALA B 44 -34.92 -23.51 -6.85
N ASP B 45 -36.00 -23.32 -6.09
CA ASP B 45 -37.31 -23.15 -6.71
C ASP B 45 -37.55 -21.71 -7.18
N ALA B 46 -36.80 -20.75 -6.66
CA ALA B 46 -36.87 -19.37 -7.11
C ALA B 46 -35.56 -18.67 -6.74
N THR B 47 -35.29 -17.56 -7.41
CA THR B 47 -34.13 -16.76 -7.07
C THR B 47 -34.58 -15.62 -6.15
N LEU B 48 -33.60 -14.89 -5.60
CA LEU B 48 -33.95 -13.86 -4.62
C LEU B 48 -34.52 -12.63 -5.31
N SER B 49 -34.05 -12.34 -6.51
CA SER B 49 -34.56 -11.19 -7.26
C SER B 49 -35.92 -11.46 -7.90
N GLN B 50 -36.34 -12.73 -7.97
CA GLN B 50 -37.73 -13.01 -8.32
C GLN B 50 -38.66 -12.65 -7.18
N ILE B 51 -38.18 -12.76 -5.94
CA ILE B 51 -39.03 -12.55 -4.78
C ILE B 51 -39.20 -11.07 -4.51
N THR B 52 -38.09 -10.37 -4.32
CA THR B 52 -38.10 -9.00 -3.81
C THR B 52 -38.22 -7.96 -4.89
N ASN B 53 -38.80 -8.28 -6.03
CA ASN B 53 -38.90 -7.29 -7.08
C ASN B 53 -40.17 -6.45 -6.96
N ASN B 54 -40.91 -6.59 -5.85
CA ASN B 54 -42.09 -5.77 -5.60
C ASN B 54 -41.92 -4.79 -4.46
N ILE B 55 -40.86 -4.90 -3.66
CA ILE B 55 -40.68 -3.96 -2.55
C ILE B 55 -40.17 -2.62 -3.09
N ASP B 56 -40.46 -1.58 -2.32
CA ASP B 56 -40.03 -0.24 -2.69
C ASP B 56 -38.52 -0.10 -2.53
N PRO B 57 -37.88 0.77 -3.31
CA PRO B 57 -36.43 0.96 -3.17
C PRO B 57 -36.04 1.67 -1.89
N VAL B 58 -34.74 1.90 -1.70
CA VAL B 58 -34.26 2.46 -0.45
C VAL B 58 -33.96 3.94 -0.67
N GLY B 59 -33.80 4.34 -1.92
CA GLY B 59 -33.44 5.72 -2.21
C GLY B 59 -31.95 5.95 -2.07
N ARG B 60 -31.47 7.10 -2.52
CA ARG B 60 -30.05 7.39 -2.36
C ARG B 60 -29.74 7.80 -0.93
N ILE B 61 -28.61 7.34 -0.42
CA ILE B 61 -28.16 7.72 0.91
C ILE B 61 -26.83 8.44 0.79
N GLN B 62 -26.50 9.18 1.84
CA GLN B 62 -25.27 9.97 1.89
C GLN B 62 -24.86 10.17 3.34
N MET B 63 -23.55 10.22 3.57
CA MET B 63 -22.99 10.42 4.90
C MET B 63 -21.83 11.40 4.77
N ARG B 64 -21.55 12.13 5.85
CA ARG B 64 -20.84 13.39 5.70
C ARG B 64 -19.57 13.56 6.51
N THR B 65 -18.96 12.47 7.02
CA THR B 65 -17.68 12.50 7.75
C THR B 65 -17.76 13.42 8.98
N ARG B 66 -18.49 12.94 9.98
CA ARG B 66 -18.70 13.73 11.18
C ARG B 66 -17.43 13.97 11.98
N ARG B 67 -16.54 12.98 12.09
CA ARG B 67 -15.30 13.17 12.82
C ARG B 67 -14.13 12.72 11.96
N THR B 68 -12.94 13.07 12.40
CA THR B 68 -11.72 12.49 11.84
C THR B 68 -10.69 12.39 12.96
N LEU B 69 -10.01 11.25 13.01
CA LEU B 69 -9.15 10.92 14.13
C LEU B 69 -7.73 10.74 13.65
N ARG B 70 -6.85 11.66 14.06
CA ARG B 70 -5.46 11.67 13.63
C ARG B 70 -4.57 11.30 14.80
N GLY B 71 -3.41 10.74 14.48
CA GLY B 71 -2.47 10.38 15.52
C GLY B 71 -1.58 9.17 15.25
N HIS B 72 -1.83 8.44 14.18
CA HIS B 72 -0.99 7.29 13.85
C HIS B 72 0.10 7.71 12.87
N LEU B 73 1.26 7.06 12.98
CA LEU B 73 2.42 7.37 12.16
C LEU B 73 2.49 6.55 10.88
N ALA B 74 1.92 5.36 10.85
CA ALA B 74 1.96 4.49 9.68
C ALA B 74 0.54 3.98 9.42
N LYS B 75 0.40 3.09 8.44
CA LYS B 75 -0.90 2.67 7.94
C LYS B 75 -1.68 1.87 8.98
N ILE B 76 -3.00 1.96 8.91
CA ILE B 76 -3.90 1.34 9.87
C ILE B 76 -4.43 0.04 9.29
N TYR B 77 -4.29 -1.05 10.06
CA TYR B 77 -4.76 -2.36 9.61
C TYR B 77 -6.08 -2.83 10.18
N ALA B 78 -6.46 -2.43 11.40
CA ALA B 78 -7.70 -2.97 11.95
C ALA B 78 -8.32 -1.96 12.91
N MET B 79 -9.62 -2.15 13.16
CA MET B 79 -10.31 -1.43 14.21
C MET B 79 -11.45 -2.28 14.75
N HIS B 80 -12.00 -1.92 15.91
CA HIS B 80 -13.11 -2.65 16.50
C HIS B 80 -13.84 -1.74 17.48
N TRP B 81 -15.15 -1.59 17.30
CA TRP B 81 -15.93 -0.76 18.19
C TRP B 81 -16.15 -1.46 19.52
N GLY B 82 -16.58 -0.68 20.50
CA GLY B 82 -17.00 -1.23 21.76
C GLY B 82 -18.48 -1.47 21.78
N THR B 83 -18.91 -2.28 22.75
CA THR B 83 -20.32 -2.63 22.83
C THR B 83 -21.16 -1.49 23.37
N ASP B 84 -20.51 -0.50 23.99
CA ASP B 84 -21.20 0.70 24.43
C ASP B 84 -21.23 1.79 23.37
N SER B 85 -20.78 1.49 22.16
CA SER B 85 -20.88 2.33 20.96
C SER B 85 -20.14 3.66 21.08
N ARG B 86 -19.19 3.78 21.99
CA ARG B 86 -18.38 4.99 22.09
C ARG B 86 -16.91 4.71 21.77
N LEU B 87 -16.28 3.80 22.49
CA LEU B 87 -14.85 3.63 22.32
C LEU B 87 -14.54 2.72 21.15
N LEU B 88 -13.33 2.81 20.65
CA LEU B 88 -12.87 1.94 19.56
C LEU B 88 -11.37 1.75 19.66
N VAL B 89 -10.89 0.65 19.10
CA VAL B 89 -9.47 0.36 19.03
C VAL B 89 -8.98 0.65 17.63
N SER B 90 -7.70 0.88 17.46
CA SER B 90 -7.10 0.92 16.14
C SER B 90 -5.67 0.43 16.24
N ALA B 91 -5.25 -0.37 15.28
CA ALA B 91 -3.91 -0.94 15.27
C ALA B 91 -3.18 -0.51 14.02
N SER B 92 -1.95 -0.07 14.16
CA SER B 92 -1.19 0.46 13.05
C SER B 92 0.20 -0.17 13.01
N GLN B 93 0.83 -0.11 11.85
CA GLN B 93 2.12 -0.75 11.63
C GLN B 93 3.30 0.00 12.23
N ASP B 94 3.08 1.18 12.81
CA ASP B 94 4.16 1.83 13.54
C ASP B 94 4.40 1.20 14.89
N GLY B 95 3.46 0.41 15.38
CA GLY B 95 3.64 -0.33 16.62
C GLY B 95 2.83 0.23 17.76
N LYS B 96 1.65 0.78 17.47
CA LYS B 96 0.83 1.40 18.50
C LYS B 96 -0.56 0.78 18.50
N LEU B 97 -1.35 1.21 19.48
CA LEU B 97 -2.69 0.69 19.69
C LEU B 97 -3.40 1.72 20.55
N ILE B 98 -4.41 2.41 20.00
CA ILE B 98 -5.01 3.57 20.64
C ILE B 98 -6.48 3.29 20.92
N ILE B 99 -6.94 3.67 22.11
CA ILE B 99 -8.37 3.58 22.45
C ILE B 99 -8.92 5.01 22.37
N TRP B 100 -9.57 5.30 21.25
CA TRP B 100 -10.15 6.62 21.08
C TRP B 100 -11.51 6.68 21.73
N ASP B 101 -11.94 7.89 22.09
CA ASP B 101 -13.34 8.15 22.39
C ASP B 101 -13.94 8.90 21.22
N SER B 102 -15.07 8.42 20.72
CA SER B 102 -15.58 8.92 19.46
C SER B 102 -16.52 10.11 19.61
N TYR B 103 -17.05 10.34 20.80
CA TYR B 103 -17.91 11.50 20.99
C TYR B 103 -17.11 12.79 21.05
N THR B 104 -15.97 12.76 21.74
CA THR B 104 -15.17 13.95 22.01
C THR B 104 -13.83 13.98 21.30
N THR B 105 -13.49 12.94 20.54
CA THR B 105 -12.21 12.78 19.83
C THR B 105 -11.00 12.89 20.75
N ASN B 106 -11.12 12.41 21.97
CA ASN B 106 -10.00 12.37 22.92
C ASN B 106 -9.14 11.13 22.64
N LYS B 107 -8.26 10.81 23.58
CA LYS B 107 -7.48 9.59 23.51
C LYS B 107 -7.36 8.98 24.90
N VAL B 108 -7.50 7.67 24.97
CA VAL B 108 -7.16 6.90 26.16
C VAL B 108 -6.19 5.81 25.72
N HIS B 109 -5.10 5.65 26.48
CA HIS B 109 -4.29 4.42 26.50
C HIS B 109 -3.67 4.10 25.13
N ALA B 110 -2.74 4.92 24.70
CA ALA B 110 -1.91 4.53 23.57
C ALA B 110 -0.92 3.47 24.04
N ILE B 111 -1.14 2.22 23.64
CA ILE B 111 -0.37 1.09 24.14
C ILE B 111 0.72 0.76 23.12
N PRO B 112 1.99 0.71 23.51
CA PRO B 112 3.04 0.33 22.57
C PRO B 112 3.25 -1.18 22.51
N LEU B 113 3.52 -1.66 21.31
CA LEU B 113 3.62 -3.08 21.05
C LEU B 113 5.06 -3.56 21.11
N ARG B 114 5.23 -4.88 21.14
CA ARG B 114 6.56 -5.47 21.21
C ARG B 114 7.15 -5.65 19.82
N SER B 115 6.37 -6.19 18.89
CA SER B 115 6.72 -6.19 17.48
C SER B 115 5.75 -5.29 16.75
N SER B 116 6.22 -4.63 15.69
CA SER B 116 5.44 -3.57 15.11
C SER B 116 4.38 -4.06 14.12
N TRP B 117 4.60 -5.20 13.46
CA TRP B 117 3.65 -5.62 12.43
C TRP B 117 2.46 -6.29 13.09
N VAL B 118 1.48 -5.51 13.46
CA VAL B 118 0.22 -6.00 13.97
C VAL B 118 -0.76 -6.01 12.81
N MET B 119 -1.58 -7.05 12.75
CA MET B 119 -2.51 -7.19 11.64
C MET B 119 -3.96 -7.25 12.08
N THR B 120 -4.24 -7.32 13.37
CA THR B 120 -5.61 -7.40 13.86
C THR B 120 -5.66 -6.88 15.28
N CYS B 121 -6.87 -6.54 15.72
CA CYS B 121 -7.13 -6.15 17.10
C CYS B 121 -8.60 -6.41 17.39
N ALA B 122 -8.93 -6.54 18.68
CA ALA B 122 -10.27 -6.85 19.09
C ALA B 122 -10.54 -6.26 20.47
N TYR B 123 -11.77 -5.84 20.69
CA TYR B 123 -12.22 -5.24 21.94
C TYR B 123 -13.23 -6.18 22.58
N ALA B 124 -12.94 -6.60 23.81
CA ALA B 124 -13.77 -7.54 24.52
C ALA B 124 -15.12 -6.91 24.87
N PRO B 125 -16.19 -7.71 24.92
CA PRO B 125 -17.52 -7.14 25.22
C PRO B 125 -17.66 -6.63 26.64
N SER B 126 -16.79 -7.04 27.56
CA SER B 126 -16.82 -6.48 28.89
C SER B 126 -16.01 -5.19 29.00
N GLY B 127 -15.30 -4.81 27.96
CA GLY B 127 -14.50 -3.61 28.00
C GLY B 127 -13.25 -3.72 28.84
N ASN B 128 -12.80 -4.93 29.13
CA ASN B 128 -11.71 -5.13 30.07
C ASN B 128 -10.38 -5.47 29.41
N TYR B 129 -10.37 -5.99 28.19
CA TYR B 129 -9.13 -6.43 27.55
C TYR B 129 -9.13 -6.02 26.09
N VAL B 130 -7.94 -6.04 25.48
CA VAL B 130 -7.77 -5.73 24.07
C VAL B 130 -6.81 -6.72 23.43
N ALA B 131 -7.29 -7.52 22.49
CA ALA B 131 -6.40 -8.45 21.80
C ALA B 131 -5.67 -7.73 20.67
N CYS B 132 -4.53 -8.30 20.28
CA CYS B 132 -3.83 -7.92 19.06
C CYS B 132 -2.89 -9.05 18.67
N GLY B 133 -2.38 -8.98 17.44
CA GLY B 133 -1.44 -9.97 16.96
C GLY B 133 -1.09 -9.68 15.52
N GLY B 134 -0.06 -10.38 15.04
CA GLY B 134 0.41 -10.12 13.71
C GLY B 134 1.43 -11.10 13.18
N LEU B 135 2.49 -10.58 12.55
CA LEU B 135 3.50 -11.43 11.93
C LEU B 135 4.41 -12.12 12.93
N ASP B 136 4.27 -11.86 14.23
CA ASP B 136 5.07 -12.54 15.24
C ASP B 136 4.43 -13.83 15.72
N ASN B 137 3.30 -14.22 15.12
CA ASN B 137 2.60 -15.50 15.35
C ASN B 137 2.10 -15.62 16.79
N ILE B 138 1.72 -14.50 17.39
CA ILE B 138 1.42 -14.46 18.82
C ILE B 138 0.23 -13.51 19.03
N CYS B 139 -0.77 -13.96 19.79
CA CYS B 139 -1.83 -13.10 20.28
C CYS B 139 -1.48 -12.60 21.68
N SER B 140 -1.87 -11.36 21.98
CA SER B 140 -1.57 -10.71 23.25
C SER B 140 -2.85 -10.12 23.83
N ILE B 141 -2.87 -9.88 25.13
CA ILE B 141 -4.13 -9.73 25.85
C ILE B 141 -4.32 -8.33 26.43
N TYR B 142 -3.31 -7.74 27.08
CA TYR B 142 -3.28 -6.32 27.45
C TYR B 142 -4.43 -5.93 28.38
N ASN B 143 -4.34 -6.34 29.65
CA ASN B 143 -5.34 -6.01 30.66
C ASN B 143 -5.48 -4.49 30.83
N LEU B 144 -6.70 -3.99 30.57
CA LEU B 144 -6.99 -2.57 30.59
C LEU B 144 -7.40 -2.08 31.98
N LYS B 145 -8.52 -2.60 32.50
CA LYS B 145 -9.03 -2.17 33.80
C LYS B 145 -8.18 -2.76 34.92
N THR B 146 -7.00 -2.20 35.12
CA THR B 146 -5.97 -2.78 35.96
C THR B 146 -6.02 -2.14 37.33
N ARG B 147 -5.02 -2.44 38.14
CA ARG B 147 -4.89 -1.87 39.47
C ARG B 147 -3.41 -1.67 39.77
N GLU B 148 -3.11 -0.56 40.45
CA GLU B 148 -1.76 -0.19 40.90
C GLU B 148 -0.79 -0.07 39.73
N GLY B 149 -1.25 0.46 38.61
CA GLY B 149 -0.37 0.61 37.47
C GLY B 149 -1.14 0.95 36.21
N ASN B 150 -0.39 0.99 35.12
CA ASN B 150 -0.90 1.29 33.78
C ASN B 150 -1.25 -0.03 33.08
N VAL B 151 -1.38 -0.01 31.75
CA VAL B 151 -1.62 -1.25 31.02
C VAL B 151 -0.36 -2.11 31.00
N ARG B 152 -0.57 -3.43 30.97
CA ARG B 152 0.50 -4.41 30.89
C ARG B 152 0.01 -5.58 30.06
N VAL B 153 0.93 -6.26 29.38
CA VAL B 153 0.56 -7.50 28.69
C VAL B 153 0.32 -8.59 29.73
N SER B 154 -0.65 -9.46 29.46
CA SER B 154 -1.07 -10.45 30.43
C SER B 154 -0.67 -11.88 30.08
N ARG B 155 -1.12 -12.41 28.95
CA ARG B 155 -1.00 -13.85 28.76
C ARG B 155 -0.03 -14.25 27.63
N GLU B 156 -0.08 -13.56 26.49
CA GLU B 156 0.81 -13.81 25.34
C GLU B 156 0.68 -15.23 24.80
N LEU B 157 -0.48 -15.52 24.21
CA LEU B 157 -0.77 -16.85 23.65
C LEU B 157 0.11 -17.15 22.44
N ALA B 158 0.68 -18.35 22.40
CA ALA B 158 1.61 -18.70 21.33
C ALA B 158 1.47 -20.20 21.04
N GLY B 159 0.79 -20.54 19.96
CA GLY B 159 0.74 -21.91 19.50
C GLY B 159 0.84 -22.09 18.00
N HIS B 160 0.71 -21.00 17.25
CA HIS B 160 0.59 -21.12 15.80
C HIS B 160 1.95 -21.09 15.12
N THR B 161 1.96 -21.49 13.86
CA THR B 161 3.17 -21.51 13.05
C THR B 161 3.06 -20.57 11.84
N GLY B 162 2.02 -19.76 11.78
CA GLY B 162 1.89 -18.78 10.73
C GLY B 162 1.36 -17.49 11.32
N TYR B 163 1.28 -16.46 10.49
CA TYR B 163 0.92 -15.14 10.96
C TYR B 163 -0.53 -15.11 11.43
N LEU B 164 -0.83 -14.21 12.36
CA LEU B 164 -2.15 -14.14 12.94
C LEU B 164 -2.99 -13.11 12.19
N SER B 165 -4.12 -13.54 11.63
CA SER B 165 -4.88 -12.67 10.73
C SER B 165 -6.17 -12.12 11.33
N CYS B 166 -6.74 -12.76 12.33
CA CYS B 166 -7.94 -12.25 12.98
C CYS B 166 -8.02 -12.83 14.39
N CYS B 167 -8.84 -12.19 15.23
CA CYS B 167 -9.13 -12.68 16.57
C CYS B 167 -10.40 -12.02 17.09
N ARG B 168 -11.24 -12.78 17.78
CA ARG B 168 -12.45 -12.25 18.39
C ARG B 168 -12.62 -12.86 19.76
N PHE B 169 -13.14 -12.07 20.69
CA PHE B 169 -13.44 -12.56 22.03
C PHE B 169 -14.79 -13.25 22.05
N LEU B 170 -14.89 -14.27 22.89
CA LEU B 170 -16.17 -14.87 23.25
C LEU B 170 -16.66 -14.35 24.60
N ASP B 171 -15.81 -14.45 25.60
CA ASP B 171 -15.97 -13.79 26.88
C ASP B 171 -14.56 -13.48 27.38
N ASP B 172 -14.42 -13.23 28.67
CA ASP B 172 -13.10 -12.89 29.19
C ASP B 172 -12.21 -14.08 29.43
N ASN B 173 -12.53 -15.27 28.92
CA ASN B 173 -11.67 -16.43 29.09
C ASN B 173 -11.47 -17.23 27.81
N GLN B 174 -12.15 -16.89 26.73
CA GLN B 174 -12.02 -17.64 25.49
C GLN B 174 -11.85 -16.66 24.35
N ILE B 175 -10.89 -16.94 23.47
CA ILE B 175 -10.66 -16.12 22.30
C ILE B 175 -10.36 -17.03 21.12
N VAL B 176 -11.08 -16.83 20.02
CA VAL B 176 -10.88 -17.61 18.81
C VAL B 176 -10.06 -16.79 17.82
N THR B 177 -8.99 -17.42 17.32
CA THR B 177 -8.04 -16.75 16.46
C THR B 177 -7.98 -17.46 15.11
N SER B 178 -7.59 -16.70 14.09
CA SER B 178 -7.37 -17.19 12.74
C SER B 178 -5.91 -17.00 12.38
N SER B 179 -5.39 -17.91 11.57
CA SER B 179 -3.95 -17.86 11.32
C SER B 179 -3.64 -18.17 9.88
N GLY B 180 -2.39 -17.89 9.52
CA GLY B 180 -1.86 -18.13 8.20
C GLY B 180 -1.27 -19.49 7.98
N ASP B 181 -1.35 -20.39 8.95
CA ASP B 181 -1.01 -21.78 8.73
C ASP B 181 -2.26 -22.64 8.55
N THR B 182 -3.31 -22.08 7.96
CA THR B 182 -4.56 -22.74 7.55
C THR B 182 -5.35 -23.32 8.72
N THR B 183 -5.16 -22.83 9.94
CA THR B 183 -5.88 -23.36 11.10
C THR B 183 -6.55 -22.24 11.86
N CYS B 184 -7.75 -22.50 12.36
CA CYS B 184 -8.35 -21.71 13.43
C CYS B 184 -8.11 -22.42 14.76
N ALA B 185 -8.35 -21.70 15.85
CA ALA B 185 -8.04 -22.24 17.17
C ALA B 185 -8.89 -21.53 18.22
N LEU B 186 -9.13 -22.23 19.32
CA LEU B 186 -9.84 -21.68 20.46
C LEU B 186 -8.98 -21.83 21.70
N TRP B 187 -8.81 -20.73 22.43
CA TRP B 187 -7.79 -20.64 23.48
C TRP B 187 -8.43 -20.54 24.84
N ASP B 188 -7.64 -20.87 25.85
CA ASP B 188 -8.03 -20.75 27.25
C ASP B 188 -7.05 -19.81 27.94
N ILE B 189 -7.51 -18.60 28.26
CA ILE B 189 -6.69 -17.68 29.01
C ILE B 189 -6.54 -18.18 30.44
N GLU B 190 -5.40 -17.84 31.05
CA GLU B 190 -4.84 -18.24 32.34
C GLU B 190 -4.27 -19.65 32.33
N THR B 191 -4.53 -20.45 31.30
CA THR B 191 -3.83 -21.73 31.15
C THR B 191 -2.96 -21.64 29.90
N GLY B 192 -3.36 -20.81 28.95
CA GLY B 192 -2.54 -20.47 27.81
C GLY B 192 -2.63 -21.41 26.64
N GLN B 193 -2.81 -22.70 26.87
CA GLN B 193 -2.86 -23.61 25.74
C GLN B 193 -4.24 -23.58 25.10
N GLN B 194 -4.33 -24.13 23.90
CA GLN B 194 -5.53 -24.05 23.10
C GLN B 194 -6.40 -25.28 23.30
N THR B 195 -7.69 -25.05 23.51
CA THR B 195 -8.61 -26.13 23.81
C THR B 195 -8.97 -26.91 22.54
N THR B 196 -9.47 -26.21 21.53
CA THR B 196 -9.91 -26.82 20.30
C THR B 196 -9.06 -26.29 19.15
N THR B 197 -8.78 -27.13 18.18
CA THR B 197 -7.98 -26.73 17.02
C THR B 197 -8.73 -27.15 15.76
N PHE B 198 -9.11 -26.17 14.95
CA PHE B 198 -9.92 -26.40 13.77
C PHE B 198 -9.04 -26.54 12.54
N THR B 199 -9.19 -27.65 11.83
CA THR B 199 -8.42 -27.91 10.63
C THR B 199 -9.36 -28.22 9.47
N GLY B 200 -8.89 -27.99 8.26
CA GLY B 200 -9.71 -28.29 7.11
C GLY B 200 -9.54 -27.36 5.92
N HIS B 201 -9.01 -26.17 6.15
CA HIS B 201 -8.78 -25.26 5.03
C HIS B 201 -7.50 -25.64 4.29
N THR B 202 -7.41 -25.16 3.05
CA THR B 202 -6.22 -25.29 2.22
C THR B 202 -5.89 -23.89 1.71
N GLY B 203 -5.19 -23.13 2.52
CA GLY B 203 -4.97 -21.72 2.23
C GLY B 203 -5.11 -20.91 3.50
N ASP B 204 -4.48 -19.74 3.49
CA ASP B 204 -4.36 -18.92 4.69
C ASP B 204 -5.71 -18.36 5.09
N VAL B 205 -6.12 -18.61 6.31
CA VAL B 205 -7.41 -18.14 6.78
C VAL B 205 -7.31 -16.66 7.10
N MET B 206 -8.17 -15.87 6.48
CA MET B 206 -7.99 -14.42 6.48
C MET B 206 -8.91 -13.66 7.41
N SER B 207 -10.10 -14.17 7.71
CA SER B 207 -11.02 -13.47 8.59
C SER B 207 -11.94 -14.49 9.24
N LEU B 208 -12.73 -14.02 10.19
CA LEU B 208 -13.78 -14.82 10.82
C LEU B 208 -14.83 -13.87 11.38
N SER B 209 -15.95 -14.45 11.81
CA SER B 209 -17.02 -13.71 12.44
C SER B 209 -17.86 -14.68 13.24
N LEU B 210 -18.35 -14.24 14.39
CA LEU B 210 -19.15 -15.11 15.25
C LEU B 210 -20.63 -14.86 15.05
N ALA B 211 -21.41 -15.91 15.28
CA ALA B 211 -22.86 -15.82 15.30
C ALA B 211 -23.29 -15.01 16.50
N PRO B 212 -24.48 -14.39 16.46
CA PRO B 212 -24.91 -13.58 17.61
C PRO B 212 -25.18 -14.36 18.88
N ASP B 213 -25.47 -15.66 18.77
CA ASP B 213 -25.56 -16.49 19.97
C ASP B 213 -24.24 -17.14 20.33
N THR B 214 -23.19 -16.92 19.52
CA THR B 214 -21.81 -17.38 19.72
C THR B 214 -21.68 -18.88 19.87
N ARG B 215 -22.57 -19.65 19.24
CA ARG B 215 -22.41 -21.10 19.21
C ARG B 215 -21.69 -21.58 17.95
N LEU B 216 -21.59 -20.73 16.93
CA LEU B 216 -21.00 -21.08 15.65
C LEU B 216 -20.20 -19.90 15.14
N PHE B 217 -19.31 -20.16 14.19
CA PHE B 217 -18.59 -19.09 13.52
C PHE B 217 -18.21 -19.53 12.11
N VAL B 218 -18.02 -18.56 11.23
CA VAL B 218 -17.68 -18.78 9.84
C VAL B 218 -16.28 -18.21 9.59
N SER B 219 -15.64 -18.69 8.53
CA SER B 219 -14.26 -18.33 8.26
C SER B 219 -13.94 -18.57 6.79
N GLY B 220 -13.39 -17.56 6.15
CA GLY B 220 -13.01 -17.65 4.75
C GLY B 220 -11.51 -17.54 4.58
N ALA B 221 -10.99 -18.26 3.59
CA ALA B 221 -9.56 -18.38 3.44
C ALA B 221 -9.16 -18.10 2.00
N CYS B 222 -7.90 -18.37 1.69
CA CYS B 222 -7.35 -18.04 0.38
C CYS B 222 -7.64 -19.08 -0.70
N ASP B 223 -8.17 -20.24 -0.35
CA ASP B 223 -8.96 -20.98 -1.32
C ASP B 223 -10.34 -20.35 -1.33
N ALA B 224 -10.99 -20.34 -2.47
CA ALA B 224 -12.23 -19.57 -2.57
C ALA B 224 -13.39 -20.26 -1.87
N SER B 225 -13.35 -20.29 -0.53
CA SER B 225 -14.25 -21.13 0.23
C SER B 225 -14.51 -20.51 1.59
N ALA B 226 -15.62 -20.90 2.21
CA ALA B 226 -15.96 -20.47 3.56
C ALA B 226 -16.59 -21.64 4.29
N LYS B 227 -16.20 -21.83 5.54
CA LYS B 227 -16.62 -23.00 6.31
C LYS B 227 -17.35 -22.55 7.57
N LEU B 228 -18.43 -23.24 7.89
CA LEU B 228 -19.13 -23.06 9.16
C LEU B 228 -18.62 -24.07 10.17
N TRP B 229 -18.24 -23.57 11.35
CA TRP B 229 -17.66 -24.42 12.39
C TRP B 229 -18.54 -24.41 13.62
N ASP B 230 -18.52 -25.53 14.34
CA ASP B 230 -19.12 -25.62 15.67
C ASP B 230 -18.05 -25.29 16.70
N VAL B 231 -18.36 -24.34 17.59
CA VAL B 231 -17.37 -23.92 18.58
C VAL B 231 -17.23 -24.98 19.66
N ARG B 232 -18.36 -25.51 20.14
CA ARG B 232 -18.32 -26.43 21.26
C ARG B 232 -17.84 -27.81 20.82
N GLU B 233 -18.23 -28.24 19.62
CA GLU B 233 -17.86 -29.57 19.16
C GLU B 233 -16.44 -29.59 18.60
N GLY B 234 -16.19 -28.84 17.54
CA GLY B 234 -14.86 -28.80 16.96
C GLY B 234 -14.79 -29.36 15.56
N MET B 235 -15.92 -29.42 14.89
CA MET B 235 -16.02 -29.95 13.54
C MET B 235 -16.39 -28.84 12.56
N CYS B 236 -16.60 -29.24 11.31
CA CYS B 236 -17.05 -28.34 10.26
C CYS B 236 -18.39 -28.83 9.74
N ARG B 237 -19.40 -27.96 9.79
CA ARG B 237 -20.73 -28.36 9.32
C ARG B 237 -20.80 -28.35 7.81
N GLN B 238 -20.70 -27.18 7.19
CA GLN B 238 -20.92 -27.00 5.77
C GLN B 238 -19.70 -26.32 5.14
N THR B 239 -19.70 -26.24 3.81
CA THR B 239 -18.64 -25.58 3.07
C THR B 239 -19.27 -24.89 1.88
N PHE B 240 -18.97 -23.61 1.72
CA PHE B 240 -19.59 -22.76 0.72
C PHE B 240 -18.56 -22.32 -0.30
N THR B 241 -18.79 -22.65 -1.57
CA THR B 241 -17.85 -22.30 -2.64
C THR B 241 -18.65 -21.67 -3.78
N GLY B 242 -18.52 -20.36 -3.92
CA GLY B 242 -19.08 -19.68 -5.07
C GLY B 242 -18.22 -18.55 -5.59
N HIS B 243 -17.10 -18.30 -4.92
CA HIS B 243 -16.22 -17.21 -5.30
C HIS B 243 -15.19 -17.69 -6.30
N GLU B 244 -14.27 -16.80 -6.68
CA GLU B 244 -13.27 -17.10 -7.69
C GLU B 244 -11.84 -16.83 -7.27
N SER B 245 -11.62 -16.18 -6.13
CA SER B 245 -10.26 -15.88 -5.68
C SER B 245 -10.26 -15.87 -4.16
N ASP B 246 -9.21 -15.29 -3.57
CA ASP B 246 -9.05 -15.25 -2.13
C ASP B 246 -10.14 -14.42 -1.48
N ILE B 247 -10.66 -14.91 -0.36
CA ILE B 247 -11.66 -14.21 0.43
C ILE B 247 -10.95 -13.41 1.51
N ASN B 248 -11.21 -12.11 1.58
CA ASN B 248 -10.57 -11.24 2.55
C ASN B 248 -11.48 -10.82 3.70
N ALA B 249 -12.78 -11.05 3.62
CA ALA B 249 -13.68 -10.52 4.62
C ALA B 249 -14.92 -11.40 4.75
N ILE B 250 -15.53 -11.37 5.93
CA ILE B 250 -16.74 -12.11 6.20
C ILE B 250 -17.47 -11.40 7.32
N CYS B 251 -18.79 -11.59 7.38
CA CYS B 251 -19.64 -11.00 8.41
C CYS B 251 -20.98 -11.71 8.39
N PHE B 252 -21.54 -11.96 9.58
CA PHE B 252 -22.88 -12.50 9.71
C PHE B 252 -23.96 -11.45 9.46
N PHE B 253 -25.12 -11.94 9.08
CA PHE B 253 -26.38 -11.21 9.09
C PHE B 253 -26.82 -11.00 10.54
N PRO B 254 -27.68 -10.01 10.79
CA PRO B 254 -28.19 -9.81 12.17
C PRO B 254 -28.91 -10.99 12.81
N ASN B 255 -29.79 -11.71 12.10
CA ASN B 255 -30.44 -12.82 12.78
C ASN B 255 -29.56 -14.07 12.86
N GLY B 256 -28.42 -14.07 12.18
CA GLY B 256 -27.51 -15.20 12.24
C GLY B 256 -27.80 -16.31 11.26
N ASN B 257 -28.77 -16.13 10.36
CA ASN B 257 -29.13 -17.17 9.40
C ASN B 257 -28.53 -16.94 8.04
N ALA B 258 -27.56 -16.03 7.92
CA ALA B 258 -26.93 -15.72 6.65
C ALA B 258 -25.60 -15.06 6.93
N PHE B 259 -24.75 -15.03 5.91
CA PHE B 259 -23.50 -14.28 6.01
C PHE B 259 -23.09 -13.82 4.62
N ALA B 260 -22.33 -12.74 4.58
CA ALA B 260 -21.84 -12.16 3.34
C ALA B 260 -20.32 -12.13 3.33
N THR B 261 -19.73 -12.37 2.17
CA THR B 261 -18.29 -12.43 2.02
C THR B 261 -17.83 -11.38 1.02
N GLY B 262 -16.55 -11.06 1.07
CA GLY B 262 -15.93 -10.22 0.06
C GLY B 262 -14.61 -10.84 -0.35
N SER B 263 -14.24 -10.61 -1.61
CA SER B 263 -13.11 -11.35 -2.16
C SER B 263 -12.41 -10.51 -3.22
N ASP B 264 -11.40 -11.12 -3.85
CA ASP B 264 -10.54 -10.43 -4.81
C ASP B 264 -11.14 -10.33 -6.20
N ASP B 265 -12.23 -11.03 -6.49
CA ASP B 265 -12.84 -10.97 -7.80
C ASP B 265 -13.88 -9.88 -7.93
N ALA B 266 -13.72 -8.80 -7.15
CA ALA B 266 -14.52 -7.59 -7.22
C ALA B 266 -16.00 -7.82 -6.92
N THR B 267 -16.33 -8.89 -6.20
CA THR B 267 -17.71 -9.21 -5.89
C THR B 267 -17.91 -9.41 -4.39
N CYS B 268 -19.14 -9.19 -3.95
CA CYS B 268 -19.62 -9.64 -2.66
C CYS B 268 -20.80 -10.56 -2.89
N ARG B 269 -20.96 -11.56 -2.02
CA ARG B 269 -21.98 -12.57 -2.22
C ARG B 269 -22.69 -12.86 -0.91
N LEU B 270 -23.96 -13.24 -1.00
CA LEU B 270 -24.77 -13.55 0.18
C LEU B 270 -25.13 -15.02 0.22
N PHE B 271 -24.81 -15.68 1.32
CA PHE B 271 -25.04 -17.10 1.51
C PHE B 271 -25.96 -17.32 2.69
N ASP B 272 -26.88 -18.27 2.54
CA ASP B 272 -27.76 -18.65 3.64
C ASP B 272 -27.30 -20.00 4.17
N LEU B 273 -27.49 -20.21 5.47
CA LEU B 273 -26.97 -21.41 6.13
C LEU B 273 -27.81 -22.63 5.79
N ARG B 274 -29.14 -22.48 5.90
CA ARG B 274 -30.07 -23.57 5.51
C ARG B 274 -30.07 -23.62 3.98
N ALA B 275 -30.19 -24.81 3.39
CA ALA B 275 -30.13 -24.97 1.91
C ALA B 275 -28.87 -24.26 1.41
N ASP B 276 -27.72 -24.65 1.97
CA ASP B 276 -26.39 -24.07 1.65
C ASP B 276 -26.22 -23.88 0.14
N GLN B 277 -26.53 -22.67 -0.35
CA GLN B 277 -25.97 -22.14 -1.62
C GLN B 277 -25.94 -20.61 -1.56
N GLU B 278 -25.44 -19.95 -2.60
CA GLU B 278 -25.43 -18.51 -2.55
C GLU B 278 -26.80 -17.98 -2.96
N LEU B 279 -27.06 -16.73 -2.61
CA LEU B 279 -28.33 -16.11 -2.92
C LEU B 279 -28.25 -14.84 -3.75
N MET B 280 -27.16 -14.08 -3.61
CA MET B 280 -27.06 -12.79 -4.30
C MET B 280 -25.60 -12.55 -4.63
N THR B 281 -25.35 -11.76 -5.67
CA THR B 281 -24.01 -11.36 -6.07
C THR B 281 -23.99 -9.86 -6.31
N TYR B 282 -23.05 -9.17 -5.68
CA TYR B 282 -22.97 -7.72 -5.71
C TYR B 282 -21.79 -7.31 -6.58
N SER B 283 -22.05 -7.05 -7.86
CA SER B 283 -20.99 -6.76 -8.81
C SER B 283 -21.40 -5.62 -9.72
N HIS B 284 -20.40 -4.92 -10.24
CA HIS B 284 -20.60 -3.80 -11.14
C HIS B 284 -19.43 -3.73 -12.10
N ASP B 285 -19.68 -3.19 -13.29
CA ASP B 285 -18.70 -3.28 -14.36
C ASP B 285 -17.53 -2.33 -14.19
N ASN B 286 -17.74 -1.19 -13.54
CA ASN B 286 -16.64 -0.26 -13.31
C ASN B 286 -15.69 -0.75 -12.23
N ILE B 287 -16.12 -1.66 -11.38
CA ILE B 287 -15.34 -2.14 -10.24
C ILE B 287 -14.44 -3.26 -10.71
N ILE B 288 -13.13 -3.05 -10.60
CA ILE B 288 -12.15 -4.06 -11.00
C ILE B 288 -11.14 -4.24 -9.88
N CYS B 289 -11.48 -3.78 -8.68
CA CYS B 289 -10.59 -3.86 -7.53
C CYS B 289 -11.13 -4.83 -6.50
N GLY B 290 -10.26 -5.22 -5.57
CA GLY B 290 -10.65 -6.17 -4.55
C GLY B 290 -11.28 -5.51 -3.33
N ILE B 291 -12.08 -6.31 -2.61
CA ILE B 291 -12.76 -5.88 -1.41
C ILE B 291 -11.92 -6.28 -0.21
N THR B 292 -11.72 -5.35 0.72
CA THR B 292 -10.92 -5.60 1.90
C THR B 292 -11.73 -5.72 3.18
N SER B 293 -13.01 -5.35 3.17
CA SER B 293 -13.87 -5.45 4.34
C SER B 293 -15.33 -5.45 3.94
N VAL B 294 -16.18 -6.18 4.67
CA VAL B 294 -17.63 -6.07 4.53
C VAL B 294 -18.20 -5.89 5.92
N SER B 295 -19.37 -5.25 5.98
CA SER B 295 -20.13 -5.11 7.22
C SER B 295 -21.57 -4.80 6.88
N PHE B 296 -22.44 -5.11 7.83
CA PHE B 296 -23.88 -4.94 7.68
C PHE B 296 -24.37 -3.79 8.52
N SER B 297 -25.58 -3.32 8.22
CA SER B 297 -26.23 -2.34 9.08
C SER B 297 -26.92 -3.06 10.22
N LYS B 298 -27.64 -2.30 11.05
CA LYS B 298 -28.29 -2.90 12.22
C LYS B 298 -29.47 -3.75 11.81
N SER B 299 -30.34 -3.21 10.95
CA SER B 299 -31.47 -3.99 10.48
C SER B 299 -31.07 -5.05 9.48
N GLY B 300 -29.90 -4.91 8.85
CA GLY B 300 -29.49 -5.84 7.83
C GLY B 300 -30.00 -5.50 6.45
N ARG B 301 -30.30 -4.23 6.17
CA ARG B 301 -30.79 -3.86 4.86
C ARG B 301 -29.67 -3.31 3.99
N LEU B 302 -28.74 -2.56 4.58
CA LEU B 302 -27.60 -2.09 3.82
C LEU B 302 -26.45 -3.09 3.93
N LEU B 303 -25.40 -2.83 3.17
CA LEU B 303 -24.19 -3.65 3.23
C LEU B 303 -23.04 -2.74 2.79
N LEU B 304 -22.07 -2.54 3.68
CA LEU B 304 -21.05 -1.51 3.50
C LEU B 304 -19.70 -2.17 3.26
N ALA B 305 -19.18 -2.01 2.05
CA ALA B 305 -17.95 -2.67 1.65
C ALA B 305 -16.87 -1.65 1.38
N GLY B 306 -15.65 -1.96 1.84
CA GLY B 306 -14.49 -1.19 1.52
C GLY B 306 -13.79 -1.76 0.29
N TYR B 307 -13.03 -0.92 -0.41
CA TYR B 307 -12.45 -1.32 -1.68
C TYR B 307 -11.00 -0.89 -1.76
N ASP B 308 -10.34 -1.33 -2.82
CA ASP B 308 -8.93 -1.06 -3.07
C ASP B 308 -8.69 0.21 -3.87
N ASP B 309 -9.71 0.75 -4.53
CA ASP B 309 -9.59 2.01 -5.25
C ASP B 309 -9.95 3.21 -4.39
N PHE B 310 -9.86 3.05 -3.06
CA PHE B 310 -9.89 4.05 -2.00
C PHE B 310 -11.33 4.46 -1.68
N ASN B 311 -12.32 3.82 -2.29
CA ASN B 311 -13.72 4.18 -2.08
C ASN B 311 -14.36 3.25 -1.07
N CYS B 312 -15.67 3.40 -0.90
CA CYS B 312 -16.43 2.57 0.02
C CYS B 312 -17.89 2.61 -0.42
N ASN B 313 -18.33 1.59 -1.15
CA ASN B 313 -19.67 1.58 -1.70
C ASN B 313 -20.69 1.18 -0.64
N VAL B 314 -21.95 1.32 -1.00
CA VAL B 314 -23.08 0.92 -0.16
C VAL B 314 -24.09 0.21 -1.07
N TRP B 315 -24.42 -1.03 -0.74
CA TRP B 315 -25.32 -1.81 -1.55
C TRP B 315 -26.65 -2.01 -0.84
N ASP B 316 -27.65 -2.44 -1.59
CA ASP B 316 -28.93 -2.86 -1.04
C ASP B 316 -28.94 -4.38 -0.98
N ALA B 317 -29.10 -4.92 0.23
CA ALA B 317 -28.94 -6.36 0.41
C ALA B 317 -30.11 -7.16 -0.14
N LEU B 318 -31.24 -6.53 -0.43
CA LEU B 318 -32.40 -7.24 -0.95
C LEU B 318 -32.66 -6.96 -2.43
N LYS B 319 -31.96 -5.99 -3.03
CA LYS B 319 -32.18 -5.64 -4.42
C LYS B 319 -30.91 -5.65 -5.26
N ALA B 320 -29.74 -5.79 -4.67
CA ALA B 320 -28.41 -5.76 -5.29
C ALA B 320 -28.09 -4.45 -6.01
N ASP B 321 -28.84 -3.38 -5.74
CA ASP B 321 -28.52 -2.09 -6.31
C ASP B 321 -27.34 -1.46 -5.59
N ARG B 322 -26.91 -0.31 -6.09
CA ARG B 322 -25.92 0.51 -5.41
C ARG B 322 -26.62 1.77 -4.93
N ALA B 323 -26.53 2.04 -3.64
CA ALA B 323 -27.30 3.12 -3.04
C ALA B 323 -26.47 4.35 -2.71
N GLY B 324 -25.16 4.31 -2.92
CA GLY B 324 -24.35 5.47 -2.61
C GLY B 324 -22.87 5.14 -2.65
N VAL B 325 -22.09 6.04 -2.05
CA VAL B 325 -20.64 5.92 -2.02
C VAL B 325 -20.17 6.75 -0.84
N LEU B 326 -19.03 6.36 -0.26
CA LEU B 326 -18.32 7.19 0.70
C LEU B 326 -16.89 7.33 0.19
N ALA B 327 -16.50 8.57 -0.14
CA ALA B 327 -15.23 8.82 -0.80
C ALA B 327 -14.48 9.90 -0.02
N GLY B 328 -13.67 9.49 0.95
CA GLY B 328 -12.94 10.43 1.78
C GLY B 328 -11.47 10.14 2.00
N HIS B 329 -10.98 8.97 1.62
CA HIS B 329 -9.63 8.54 1.97
C HIS B 329 -8.69 8.70 0.78
N ASP B 330 -7.40 8.71 1.09
CA ASP B 330 -6.35 8.88 0.09
C ASP B 330 -5.73 7.57 -0.36
N ASN B 331 -5.67 6.57 0.50
CA ASN B 331 -5.16 5.26 0.16
C ASN B 331 -6.25 4.23 0.50
N ARG B 332 -5.92 2.96 0.37
CA ARG B 332 -6.94 1.92 0.37
C ARG B 332 -7.51 1.69 1.75
N VAL B 333 -8.78 1.29 1.79
CA VAL B 333 -9.55 1.18 3.02
C VAL B 333 -9.38 -0.23 3.55
N SER B 334 -8.81 -0.35 4.75
CA SER B 334 -8.44 -1.65 5.28
C SER B 334 -9.53 -2.26 6.14
N CYS B 335 -10.33 -1.44 6.79
CA CYS B 335 -11.20 -1.89 7.85
C CYS B 335 -12.43 -1.02 7.91
N LEU B 336 -13.46 -1.54 8.56
CA LEU B 336 -14.79 -0.95 8.48
C LEU B 336 -15.61 -1.55 9.61
N GLY B 337 -16.55 -0.78 10.14
CA GLY B 337 -17.32 -1.30 11.25
C GLY B 337 -18.49 -0.46 11.70
N VAL B 338 -19.60 -1.10 12.02
CA VAL B 338 -20.82 -0.43 12.45
C VAL B 338 -21.06 -0.74 13.91
N THR B 339 -21.50 0.26 14.66
CA THR B 339 -21.75 0.13 16.08
C THR B 339 -22.97 -0.74 16.33
N ASP B 340 -23.16 -1.13 17.60
CA ASP B 340 -24.20 -2.08 17.94
C ASP B 340 -25.58 -1.44 17.95
N ASP B 341 -25.66 -0.16 18.28
CA ASP B 341 -26.92 0.56 18.13
C ASP B 341 -27.16 0.99 16.69
N GLY B 342 -26.15 0.86 15.83
CA GLY B 342 -26.31 1.18 14.43
C GLY B 342 -26.25 2.65 14.11
N MET B 343 -25.52 3.43 14.89
CA MET B 343 -25.57 4.88 14.74
C MET B 343 -24.53 5.42 13.77
N ALA B 344 -23.39 4.78 13.63
CA ALA B 344 -22.33 5.34 12.80
C ALA B 344 -21.49 4.21 12.22
N VAL B 345 -20.67 4.57 11.25
CA VAL B 345 -19.74 3.68 10.58
C VAL B 345 -18.35 4.31 10.71
N ALA B 346 -17.37 3.49 11.05
CA ALA B 346 -16.00 3.96 11.06
C ALA B 346 -15.19 3.19 10.05
N THR B 347 -14.40 3.91 9.26
CA THR B 347 -13.49 3.29 8.31
C THR B 347 -12.07 3.70 8.68
N GLY B 348 -11.11 2.87 8.31
CA GLY B 348 -9.71 3.18 8.47
C GLY B 348 -8.97 2.84 7.21
N SER B 349 -7.84 3.49 7.00
CA SER B 349 -7.17 3.36 5.72
C SER B 349 -5.67 3.41 5.90
N TRP B 350 -4.96 3.28 4.77
CA TRP B 350 -3.51 3.30 4.77
C TRP B 350 -2.92 4.70 4.83
N ASP B 351 -3.75 5.75 4.87
CA ASP B 351 -3.26 7.10 5.06
C ASP B 351 -3.22 7.51 6.53
N SER B 352 -3.45 6.56 7.43
CA SER B 352 -3.40 6.67 8.89
C SER B 352 -4.43 7.63 9.48
N PHE B 353 -5.60 7.74 8.87
CA PHE B 353 -6.70 8.46 9.48
C PHE B 353 -7.92 7.57 9.54
N LEU B 354 -8.75 7.78 10.56
CA LEU B 354 -10.06 7.16 10.65
C LEU B 354 -11.12 8.23 10.45
N LYS B 355 -12.17 7.87 9.73
CA LYS B 355 -13.31 8.75 9.53
C LYS B 355 -14.54 8.12 10.15
N ILE B 356 -15.43 8.94 10.69
CA ILE B 356 -16.70 8.48 11.20
C ILE B 356 -17.81 9.12 10.37
N TRP B 357 -18.59 8.28 9.71
CA TRP B 357 -19.60 8.71 8.75
C TRP B 357 -20.97 8.46 9.33
N ASN B 358 -21.91 9.32 8.98
CA ASN B 358 -23.23 9.28 9.59
C ASN B 358 -24.24 10.03 8.73
N ASN C 5 2.92 -40.67 -0.44
CA ASN C 5 1.88 -41.54 -0.97
C ASN C 5 1.01 -42.11 0.14
N THR C 6 1.65 -42.85 1.06
CA THR C 6 0.91 -43.44 2.17
C THR C 6 0.41 -42.35 3.13
N ALA C 7 1.18 -41.27 3.26
CA ALA C 7 0.64 -40.10 3.93
C ALA C 7 -0.43 -39.43 3.10
N SER C 8 -0.29 -39.44 1.77
CA SER C 8 -1.27 -38.80 0.90
C SER C 8 -2.56 -39.60 0.76
N ILE C 9 -2.56 -40.87 1.16
CA ILE C 9 -3.79 -41.65 1.22
C ILE C 9 -4.68 -41.15 2.36
N ALA C 10 -4.07 -40.60 3.42
CA ALA C 10 -4.81 -40.19 4.61
C ALA C 10 -5.73 -39.02 4.34
N GLN C 11 -5.22 -37.94 3.72
CA GLN C 11 -6.09 -36.80 3.47
C GLN C 11 -7.01 -37.04 2.29
N ALA C 12 -6.74 -38.07 1.48
CA ALA C 12 -7.75 -38.53 0.53
C ALA C 12 -8.84 -39.31 1.24
N ARG C 13 -8.47 -40.04 2.29
CA ARG C 13 -9.44 -40.73 3.13
C ARG C 13 -10.13 -39.76 4.09
N LYS C 14 -9.42 -38.74 4.57
CA LYS C 14 -10.02 -37.79 5.50
C LYS C 14 -10.99 -36.86 4.78
N LEU C 15 -10.77 -36.59 3.50
CA LEU C 15 -11.68 -35.73 2.76
C LEU C 15 -12.97 -36.45 2.41
N VAL C 16 -12.91 -37.76 2.17
CA VAL C 16 -14.11 -38.49 1.79
C VAL C 16 -14.99 -38.77 3.00
N GLU C 17 -14.46 -38.61 4.21
CA GLU C 17 -15.30 -38.71 5.39
C GLU C 17 -16.01 -37.39 5.66
N GLN C 18 -15.41 -36.27 5.26
CA GLN C 18 -16.02 -34.97 5.45
C GLN C 18 -17.11 -34.72 4.41
N LEU C 19 -16.87 -35.12 3.17
CA LEU C 19 -17.88 -35.00 2.13
C LEU C 19 -19.06 -35.93 2.41
N LYS C 20 -18.80 -37.03 3.11
CA LYS C 20 -19.89 -37.92 3.51
C LYS C 20 -20.76 -37.29 4.59
N MET C 21 -20.22 -36.35 5.36
CA MET C 21 -20.97 -35.80 6.48
C MET C 21 -21.84 -34.63 6.07
N GLU C 22 -21.31 -33.71 5.26
CA GLU C 22 -22.09 -32.54 4.89
C GLU C 22 -23.09 -32.79 3.79
N ALA C 23 -23.12 -33.99 3.21
CA ALA C 23 -24.13 -34.29 2.20
C ALA C 23 -25.47 -34.62 2.82
N ASN C 24 -25.48 -35.11 4.06
CA ASN C 24 -26.69 -35.59 4.72
C ASN C 24 -27.18 -34.55 5.71
N ILE C 25 -27.74 -33.45 5.18
CA ILE C 25 -28.35 -32.42 6.01
C ILE C 25 -29.67 -32.03 5.36
N ASP C 26 -30.53 -31.37 6.14
CA ASP C 26 -31.90 -31.07 5.74
C ASP C 26 -31.95 -29.65 5.17
N ARG C 27 -32.04 -29.54 3.85
CA ARG C 27 -32.11 -28.26 3.17
C ARG C 27 -33.58 -27.85 3.00
N ILE C 28 -33.89 -26.61 3.34
CA ILE C 28 -35.19 -26.03 3.06
C ILE C 28 -35.17 -25.44 1.66
N LYS C 29 -36.36 -25.11 1.16
CA LYS C 29 -36.49 -24.43 -0.12
C LYS C 29 -35.90 -23.02 -0.02
N VAL C 30 -35.42 -22.52 -1.16
CA VAL C 30 -34.76 -21.23 -1.18
C VAL C 30 -35.78 -20.09 -1.04
N SER C 31 -36.98 -20.30 -1.60
CA SER C 31 -38.03 -19.28 -1.50
C SER C 31 -38.50 -19.09 -0.06
N LYS C 32 -38.41 -20.13 0.77
CA LYS C 32 -38.68 -19.94 2.19
C LYS C 32 -37.54 -19.20 2.87
N ALA C 33 -36.32 -19.35 2.37
CA ALA C 33 -35.18 -18.69 3.01
C ALA C 33 -35.18 -17.19 2.74
N ALA C 34 -35.51 -16.80 1.52
CA ALA C 34 -35.46 -15.38 1.17
C ALA C 34 -36.67 -14.63 1.71
N ALA C 35 -37.79 -15.32 1.92
CA ALA C 35 -39.00 -14.64 2.38
C ALA C 35 -38.87 -14.23 3.84
N ASP C 36 -38.11 -14.99 4.63
CA ASP C 36 -37.88 -14.58 6.02
C ASP C 36 -36.66 -13.68 6.13
N LEU C 37 -35.75 -13.74 5.15
CA LEU C 37 -34.68 -12.75 5.09
C LEU C 37 -35.23 -11.37 4.79
N MET C 38 -36.34 -11.29 4.06
CA MET C 38 -36.99 -10.03 3.80
C MET C 38 -37.82 -9.57 4.99
N ALA C 39 -38.48 -10.50 5.68
CA ALA C 39 -39.41 -10.14 6.74
C ALA C 39 -38.70 -9.65 7.98
N TYR C 40 -37.42 -10.00 8.15
CA TYR C 40 -36.65 -9.44 9.26
C TYR C 40 -36.33 -7.97 8.99
N CYS C 41 -35.96 -7.65 7.75
CA CYS C 41 -35.68 -6.27 7.39
C CYS C 41 -36.93 -5.41 7.30
N GLU C 42 -38.10 -6.03 7.22
CA GLU C 42 -39.34 -5.27 7.22
C GLU C 42 -39.80 -4.95 8.63
N ALA C 43 -39.52 -5.85 9.58
CA ALA C 43 -39.95 -5.63 10.95
C ALA C 43 -39.07 -4.62 11.65
N HIS C 44 -37.77 -4.65 11.39
CA HIS C 44 -36.80 -3.80 12.08
C HIS C 44 -36.48 -2.55 11.29
N ALA C 45 -37.45 -1.99 10.56
CA ALA C 45 -37.15 -0.91 9.64
C ALA C 45 -36.90 0.40 10.35
N LYS C 46 -37.78 0.78 11.28
CA LYS C 46 -37.68 2.10 11.91
C LYS C 46 -36.51 2.18 12.87
N GLU C 47 -36.06 1.05 13.40
CA GLU C 47 -34.90 1.01 14.29
C GLU C 47 -33.61 0.83 13.50
N ASP C 48 -33.38 1.74 12.56
CA ASP C 48 -32.16 1.75 11.77
C ASP C 48 -31.82 3.19 11.41
N PRO C 49 -30.84 3.79 12.08
CA PRO C 49 -30.53 5.20 11.81
C PRO C 49 -29.91 5.45 10.45
N LEU C 50 -29.12 4.51 9.94
CA LEU C 50 -28.53 4.69 8.61
C LEU C 50 -29.58 4.54 7.52
N LEU C 51 -30.63 3.76 7.77
CA LEU C 51 -31.66 3.58 6.77
C LEU C 51 -32.64 4.75 6.77
N THR C 52 -33.34 4.92 7.88
CA THR C 52 -34.23 6.06 8.06
C THR C 52 -33.53 7.04 9.00
N PRO C 53 -33.13 8.22 8.52
CA PRO C 53 -32.25 9.09 9.31
C PRO C 53 -32.94 9.70 10.54
N VAL C 54 -32.41 9.34 11.70
CA VAL C 54 -32.84 9.89 12.98
C VAL C 54 -32.42 11.36 13.01
N PRO C 55 -33.17 12.26 13.68
CA PRO C 55 -32.91 13.70 13.51
C PRO C 55 -31.63 14.15 14.17
N ALA C 56 -31.24 15.40 13.95
CA ALA C 56 -30.04 15.94 14.56
C ALA C 56 -30.19 16.24 16.04
N SER C 57 -31.40 16.10 16.58
CA SER C 57 -31.67 16.41 17.98
C SER C 57 -31.02 15.39 18.89
N GLU C 58 -31.37 14.11 18.72
CA GLU C 58 -30.80 13.06 19.55
C GLU C 58 -29.64 12.33 18.89
N ASN C 59 -29.17 12.81 17.74
CA ASN C 59 -27.98 12.26 17.12
C ASN C 59 -26.75 12.65 17.94
N PRO C 60 -25.89 11.70 18.31
CA PRO C 60 -24.83 11.98 19.29
C PRO C 60 -23.58 12.61 18.73
N PHE C 61 -23.44 12.72 17.42
CA PHE C 61 -22.21 13.25 16.85
C PHE C 61 -22.32 14.71 16.45
N ARG C 62 -23.51 15.18 16.10
CA ARG C 62 -23.76 16.61 15.93
C ARG C 62 -25.24 16.91 16.14
N GLN D 23 -16.99 -23.64 -7.84
CA GLN D 23 -15.82 -24.45 -7.57
C GLN D 23 -14.79 -24.29 -8.67
N VAL D 24 -13.65 -23.69 -8.34
CA VAL D 24 -12.57 -23.53 -9.30
C VAL D 24 -11.89 -24.87 -9.50
N GLN D 25 -11.90 -25.36 -10.72
CA GLN D 25 -11.30 -26.66 -11.02
C GLN D 25 -10.64 -26.62 -12.39
N LEU D 26 -9.59 -27.43 -12.53
CA LEU D 26 -8.72 -27.42 -13.71
C LEU D 26 -8.30 -28.87 -13.95
N GLN D 27 -8.73 -29.46 -15.05
CA GLN D 27 -8.52 -30.89 -15.30
C GLN D 27 -7.64 -31.08 -16.53
N GLU D 28 -6.37 -31.39 -16.29
CA GLU D 28 -5.45 -31.68 -17.37
C GLU D 28 -5.68 -33.10 -17.89
N SER D 29 -5.34 -33.31 -19.15
CA SER D 29 -5.51 -34.61 -19.79
C SER D 29 -4.55 -34.71 -20.97
N GLY D 30 -4.33 -35.92 -21.47
CA GLY D 30 -3.66 -36.10 -22.73
C GLY D 30 -2.16 -36.32 -22.63
N GLY D 31 -1.71 -36.96 -21.56
CA GLY D 31 -0.29 -37.19 -21.39
C GLY D 31 0.06 -38.64 -21.13
N GLY D 32 1.14 -39.12 -21.75
CA GLY D 32 1.53 -40.50 -21.58
C GLY D 32 2.93 -40.75 -22.08
N LEU D 33 3.29 -42.02 -22.13
CA LEU D 33 4.65 -42.41 -22.51
C LEU D 33 4.84 -42.29 -24.02
N VAL D 34 6.06 -41.94 -24.41
CA VAL D 34 6.40 -41.79 -25.82
C VAL D 34 7.91 -41.97 -25.96
N GLN D 35 8.36 -42.28 -27.16
CA GLN D 35 9.78 -42.43 -27.44
C GLN D 35 10.44 -41.06 -27.54
N PRO D 36 11.73 -40.96 -27.24
CA PRO D 36 12.44 -39.68 -27.39
C PRO D 36 12.51 -39.26 -28.85
N GLY D 37 12.48 -37.94 -29.05
CA GLY D 37 12.28 -37.38 -30.36
C GLY D 37 10.83 -37.28 -30.78
N GLY D 38 9.90 -37.87 -30.04
CA GLY D 38 8.50 -37.83 -30.38
C GLY D 38 7.82 -36.56 -29.91
N SER D 39 6.49 -36.57 -30.00
CA SER D 39 5.69 -35.40 -29.73
C SER D 39 4.49 -35.78 -28.87
N LEU D 40 3.93 -34.77 -28.20
CA LEU D 40 2.75 -34.93 -27.36
C LEU D 40 2.16 -33.56 -27.10
N ARG D 41 0.84 -33.48 -27.05
CA ARG D 41 0.10 -32.25 -26.82
C ARG D 41 -0.82 -32.42 -25.63
N LEU D 42 -0.63 -31.59 -24.60
CA LEU D 42 -1.45 -31.62 -23.41
C LEU D 42 -2.62 -30.66 -23.58
N SER D 43 -3.55 -30.72 -22.63
CA SER D 43 -4.73 -29.89 -22.68
C SER D 43 -5.24 -29.71 -21.26
N CYS D 44 -6.13 -28.74 -21.08
CA CYS D 44 -6.74 -28.49 -19.78
C CYS D 44 -8.08 -27.82 -20.00
N ALA D 45 -9.11 -28.35 -19.36
CA ALA D 45 -10.43 -27.73 -19.37
C ALA D 45 -10.65 -27.04 -18.04
N ALA D 46 -10.86 -25.73 -18.09
CA ALA D 46 -11.05 -24.91 -16.91
C ALA D 46 -12.51 -24.51 -16.76
N SER D 47 -12.99 -24.51 -15.52
CA SER D 47 -14.37 -24.16 -15.25
C SER D 47 -14.46 -23.62 -13.83
N GLY D 48 -15.46 -22.79 -13.59
CA GLY D 48 -15.66 -22.18 -12.31
C GLY D 48 -15.25 -20.74 -12.21
N PHE D 49 -14.72 -20.17 -13.28
CA PHE D 49 -14.30 -18.77 -13.29
C PHE D 49 -14.29 -18.30 -14.73
N THR D 50 -14.14 -17.00 -14.91
CA THR D 50 -14.02 -16.43 -16.25
C THR D 50 -12.58 -16.61 -16.72
N PHE D 51 -12.41 -17.37 -17.81
CA PHE D 51 -11.09 -17.73 -18.28
C PHE D 51 -10.34 -16.55 -18.89
N SER D 52 -11.06 -15.52 -19.31
CA SER D 52 -10.43 -14.43 -20.04
C SER D 52 -9.68 -13.46 -19.15
N ASN D 53 -9.93 -13.47 -17.85
CA ASN D 53 -9.33 -12.47 -16.97
C ASN D 53 -8.04 -12.91 -16.32
N TYR D 54 -7.76 -14.21 -16.29
CA TYR D 54 -6.60 -14.74 -15.59
C TYR D 54 -5.58 -15.22 -16.61
N LYS D 55 -4.31 -15.11 -16.25
CA LYS D 55 -3.26 -15.69 -17.06
C LYS D 55 -2.80 -17.01 -16.45
N MET D 56 -2.40 -17.93 -17.33
CA MET D 56 -2.21 -19.32 -16.94
C MET D 56 -0.73 -19.65 -16.94
N ASN D 57 -0.41 -20.87 -16.53
CA ASN D 57 0.97 -21.33 -16.42
C ASN D 57 1.01 -22.82 -16.74
N TRP D 58 2.21 -23.36 -16.74
CA TRP D 58 2.43 -24.80 -16.66
C TRP D 58 3.62 -25.02 -15.75
N VAL D 59 3.53 -25.99 -14.86
CA VAL D 59 4.60 -26.34 -13.94
C VAL D 59 4.83 -27.84 -14.03
N ARG D 60 5.93 -28.30 -13.43
CA ARG D 60 6.24 -29.72 -13.48
C ARG D 60 7.04 -30.10 -12.24
N GLN D 61 7.12 -31.40 -12.01
CA GLN D 61 7.81 -31.94 -10.83
C GLN D 61 8.50 -33.24 -11.23
N ALA D 62 9.80 -33.17 -11.47
CA ALA D 62 10.60 -34.37 -11.65
C ALA D 62 10.66 -35.14 -10.33
N PRO D 63 10.76 -36.48 -10.37
CA PRO D 63 10.78 -37.25 -9.12
C PRO D 63 12.01 -37.03 -8.27
N GLY D 64 11.81 -36.39 -7.12
CA GLY D 64 12.87 -36.13 -6.18
C GLY D 64 13.42 -34.72 -6.15
N LYS D 65 12.82 -33.78 -6.88
CA LYS D 65 13.39 -32.46 -7.04
C LYS D 65 12.55 -31.35 -6.41
N GLY D 66 11.30 -31.22 -6.82
CA GLY D 66 10.48 -30.08 -6.45
C GLY D 66 9.91 -29.40 -7.67
N LEU D 67 8.90 -28.58 -7.44
CA LEU D 67 8.14 -27.98 -8.53
C LEU D 67 8.93 -26.85 -9.18
N GLU D 68 8.88 -26.79 -10.50
CA GLU D 68 9.53 -25.73 -11.23
C GLU D 68 8.64 -25.28 -12.37
N TRP D 69 8.94 -24.09 -12.89
CA TRP D 69 8.08 -23.38 -13.83
C TRP D 69 8.48 -23.69 -15.26
N VAL D 70 7.49 -23.76 -16.16
CA VAL D 70 7.71 -24.17 -17.55
C VAL D 70 7.39 -23.03 -18.52
N SER D 71 6.17 -22.50 -18.48
CA SER D 71 5.76 -21.46 -19.41
C SER D 71 4.58 -20.70 -18.85
N ASP D 72 4.23 -19.59 -19.49
CA ASP D 72 3.01 -18.87 -19.16
C ASP D 72 2.52 -18.12 -20.39
N ILE D 73 1.34 -17.51 -20.26
CA ILE D 73 0.69 -16.79 -21.36
C ILE D 73 -0.34 -15.85 -20.76
N SER D 74 -0.35 -14.58 -21.21
CA SER D 74 -1.15 -13.57 -20.54
C SER D 74 -2.62 -13.61 -20.99
N GLN D 75 -3.34 -12.55 -20.64
CA GLN D 75 -4.77 -12.47 -20.92
C GLN D 75 -5.01 -12.26 -22.41
N SER D 76 -5.36 -13.36 -23.10
CA SER D 76 -5.63 -13.40 -24.54
C SER D 76 -4.48 -12.86 -25.39
N GLY D 77 -3.27 -12.90 -24.85
CA GLY D 77 -2.21 -12.08 -25.40
C GLY D 77 -1.17 -12.89 -26.12
N ALA D 78 -0.38 -12.20 -26.94
CA ALA D 78 0.82 -12.76 -27.53
C ALA D 78 2.03 -12.27 -26.72
N SER D 79 1.97 -12.51 -25.42
CA SER D 79 3.06 -12.21 -24.50
C SER D 79 3.39 -13.49 -23.75
N ILE D 80 4.31 -14.26 -24.30
CA ILE D 80 4.56 -15.64 -23.90
C ILE D 80 5.99 -15.75 -23.39
N SER D 81 6.18 -16.43 -22.27
CA SER D 81 7.49 -16.65 -21.71
C SER D 81 7.76 -18.15 -21.61
N TYR D 82 9.02 -18.53 -21.77
CA TYR D 82 9.46 -19.90 -21.61
C TYR D 82 10.66 -19.94 -20.68
N THR D 83 10.95 -21.12 -20.16
CA THR D 83 12.18 -21.36 -19.42
C THR D 83 13.26 -21.78 -20.40
N GLY D 84 14.49 -21.84 -19.91
CA GLY D 84 15.62 -21.99 -20.81
C GLY D 84 15.77 -23.39 -21.36
N SER D 85 15.24 -24.38 -20.65
CA SER D 85 15.41 -25.77 -21.05
C SER D 85 14.57 -26.13 -22.26
N VAL D 86 13.34 -25.63 -22.34
CA VAL D 86 12.39 -26.05 -23.36
C VAL D 86 12.08 -24.89 -24.29
N LYS D 87 13.07 -24.02 -24.50
CA LYS D 87 12.85 -22.75 -25.18
C LYS D 87 12.49 -22.92 -26.64
N GLY D 88 13.30 -23.67 -27.39
CA GLY D 88 13.17 -23.70 -28.83
C GLY D 88 12.21 -24.73 -29.39
N ARG D 89 11.57 -25.53 -28.53
CA ARG D 89 10.79 -26.66 -28.99
C ARG D 89 9.39 -26.76 -28.39
N PHE D 90 9.09 -26.01 -27.36
CA PHE D 90 7.76 -26.02 -26.75
C PHE D 90 6.99 -24.79 -27.23
N THR D 91 5.66 -24.91 -27.24
CA THR D 91 4.83 -23.78 -27.61
C THR D 91 3.49 -23.86 -26.88
N ILE D 92 2.99 -22.70 -26.47
CA ILE D 92 1.76 -22.59 -25.70
C ILE D 92 0.71 -21.91 -26.57
N SER D 93 -0.56 -22.14 -26.22
CA SER D 93 -1.68 -21.53 -26.92
C SER D 93 -2.91 -21.65 -26.05
N ARG D 94 -3.63 -20.55 -25.88
CA ARG D 94 -4.90 -20.57 -25.18
C ARG D 94 -6.01 -20.20 -26.16
N ASP D 95 -7.21 -20.69 -25.88
CA ASP D 95 -8.39 -20.39 -26.68
C ASP D 95 -9.48 -19.96 -25.69
N ASN D 96 -9.74 -18.65 -25.64
CA ASN D 96 -10.67 -18.12 -24.65
C ASN D 96 -12.11 -18.45 -24.99
N ALA D 97 -12.39 -18.87 -26.22
CA ALA D 97 -13.76 -19.16 -26.62
C ALA D 97 -14.25 -20.49 -26.07
N LYS D 98 -13.36 -21.35 -25.58
CA LYS D 98 -13.76 -22.67 -25.10
C LYS D 98 -13.12 -23.04 -23.78
N ASN D 99 -12.47 -22.07 -23.10
CA ASN D 99 -11.87 -22.22 -21.77
C ASN D 99 -10.83 -23.33 -21.73
N THR D 100 -9.87 -23.27 -22.65
CA THR D 100 -8.95 -24.38 -22.84
C THR D 100 -7.54 -23.84 -22.99
N LEU D 101 -6.57 -24.61 -22.49
CA LEU D 101 -5.17 -24.23 -22.51
C LEU D 101 -4.34 -25.40 -23.01
N TYR D 102 -3.52 -25.17 -24.02
CA TYR D 102 -2.76 -26.23 -24.66
C TYR D 102 -1.27 -26.05 -24.41
N LEU D 103 -0.51 -27.11 -24.72
CA LEU D 103 0.95 -27.05 -24.67
C LEU D 103 1.50 -28.11 -25.60
N GLN D 104 1.93 -27.70 -26.79
CA GLN D 104 2.47 -28.64 -27.76
C GLN D 104 3.97 -28.83 -27.53
N MET D 105 4.36 -30.08 -27.29
CA MET D 105 5.74 -30.43 -26.98
C MET D 105 6.31 -31.26 -28.11
N ASN D 106 7.57 -31.00 -28.45
CA ASN D 106 8.24 -31.68 -29.56
C ASN D 106 9.67 -32.02 -29.18
N SER D 107 10.16 -33.13 -29.73
CA SER D 107 11.54 -33.62 -29.57
C SER D 107 11.89 -33.82 -28.10
N LEU D 108 11.19 -34.76 -27.48
CA LEU D 108 11.28 -34.90 -26.04
C LEU D 108 12.58 -35.58 -25.62
N LYS D 109 13.13 -35.11 -24.51
CA LYS D 109 14.39 -35.55 -23.96
C LYS D 109 14.12 -36.24 -22.64
N PRO D 110 15.00 -37.15 -22.21
CA PRO D 110 14.79 -37.83 -20.91
C PRO D 110 14.81 -36.94 -19.69
N GLU D 111 15.15 -35.65 -19.82
CA GLU D 111 14.97 -34.72 -18.71
C GLU D 111 13.50 -34.39 -18.50
N ASP D 112 12.65 -34.68 -19.49
CA ASP D 112 11.23 -34.33 -19.41
C ASP D 112 10.39 -35.48 -18.86
N THR D 113 10.80 -36.05 -17.74
CA THR D 113 10.08 -37.13 -17.10
C THR D 113 9.48 -36.58 -15.83
N ALA D 114 8.30 -35.99 -15.94
CA ALA D 114 7.70 -35.30 -14.81
C ALA D 114 6.19 -35.32 -14.98
N VAL D 115 5.50 -34.96 -13.92
CA VAL D 115 4.07 -34.76 -13.95
C VAL D 115 3.80 -33.28 -14.08
N TYR D 116 2.85 -32.91 -14.95
CA TYR D 116 2.68 -31.53 -15.39
C TYR D 116 1.33 -31.01 -14.93
N TYR D 117 1.32 -29.86 -14.26
CA TYR D 117 0.10 -29.25 -13.78
C TYR D 117 -0.21 -27.96 -14.53
N CYS D 118 -1.47 -27.55 -14.47
CA CYS D 118 -1.93 -26.30 -15.05
C CYS D 118 -2.35 -25.35 -13.95
N ALA D 119 -1.62 -24.26 -13.78
CA ALA D 119 -1.82 -23.34 -12.67
C ALA D 119 -2.21 -21.98 -13.20
N ARG D 120 -3.16 -21.33 -12.53
CA ARG D 120 -3.56 -19.98 -12.87
C ARG D 120 -3.12 -19.00 -11.78
N CYS D 121 -3.12 -17.73 -12.14
CA CYS D 121 -2.67 -16.71 -11.20
C CYS D 121 -3.77 -16.41 -10.19
N PRO D 122 -3.44 -15.99 -8.97
CA PRO D 122 -4.47 -15.90 -7.92
C PRO D 122 -5.48 -14.79 -8.11
N ALA D 123 -5.13 -13.71 -8.80
CA ALA D 123 -5.99 -12.56 -8.93
C ALA D 123 -6.20 -12.21 -10.39
N PRO D 124 -7.34 -11.61 -10.74
CA PRO D 124 -7.56 -11.19 -12.13
C PRO D 124 -6.93 -9.84 -12.43
N PHE D 125 -6.59 -9.65 -13.72
CA PHE D 125 -6.09 -8.40 -14.29
C PHE D 125 -4.77 -7.94 -13.66
N THR D 126 -3.90 -8.88 -13.32
CA THR D 126 -2.63 -8.51 -12.69
C THR D 126 -1.48 -9.01 -13.54
N ARG D 127 -0.29 -8.45 -13.28
CA ARG D 127 0.90 -8.89 -14.00
C ARG D 127 1.88 -9.62 -13.11
N ASP D 128 1.73 -9.52 -11.79
CA ASP D 128 2.48 -10.38 -10.91
C ASP D 128 1.78 -11.73 -10.79
N CYS D 129 2.53 -12.76 -10.43
CA CYS D 129 1.94 -14.09 -10.24
C CYS D 129 2.83 -14.86 -9.28
N PHE D 130 2.39 -14.95 -8.01
CA PHE D 130 3.29 -15.28 -6.92
C PHE D 130 3.45 -16.77 -6.64
N ASP D 131 2.37 -17.46 -6.31
CA ASP D 131 2.50 -18.74 -5.63
C ASP D 131 2.27 -19.94 -6.52
N VAL D 132 2.70 -19.83 -7.79
CA VAL D 132 2.47 -20.91 -8.79
C VAL D 132 3.32 -22.14 -8.47
N THR D 133 4.64 -21.97 -8.37
CA THR D 133 5.55 -23.11 -8.09
C THR D 133 5.64 -23.34 -6.58
N SER D 134 4.49 -23.48 -5.91
CA SER D 134 4.48 -23.69 -4.48
C SER D 134 3.80 -25.02 -4.21
N THR D 135 4.29 -25.74 -3.21
CA THR D 135 3.53 -26.88 -2.73
C THR D 135 2.35 -26.39 -1.92
N THR D 136 1.29 -27.20 -1.91
CA THR D 136 -0.01 -26.85 -1.32
C THR D 136 -0.53 -25.52 -1.85
N TYR D 137 -0.73 -25.44 -3.15
CA TYR D 137 -1.29 -24.27 -3.81
C TYR D 137 -2.69 -24.64 -4.28
N ALA D 138 -3.62 -23.70 -4.21
CA ALA D 138 -5.02 -24.04 -4.41
C ALA D 138 -5.38 -24.18 -5.89
N TYR D 139 -5.11 -23.16 -6.68
CA TYR D 139 -5.61 -23.09 -8.05
C TYR D 139 -4.65 -23.84 -8.96
N ARG D 140 -4.75 -25.17 -8.92
CA ARG D 140 -3.86 -26.05 -9.66
C ARG D 140 -4.52 -27.42 -9.82
N GLY D 141 -4.34 -28.06 -10.97
CA GLY D 141 -4.91 -29.36 -11.21
C GLY D 141 -4.16 -30.46 -10.49
N GLN D 142 -4.60 -31.69 -10.74
CA GLN D 142 -3.92 -32.85 -10.16
C GLN D 142 -2.77 -33.35 -11.00
N GLY D 143 -2.76 -33.04 -12.29
CA GLY D 143 -1.59 -33.28 -13.12
C GLY D 143 -1.76 -34.51 -14.00
N THR D 144 -0.86 -34.60 -14.99
CA THR D 144 -0.78 -35.72 -15.91
C THR D 144 0.65 -36.17 -16.02
N GLN D 145 0.85 -37.49 -16.09
CA GLN D 145 2.19 -38.04 -16.24
C GLN D 145 2.66 -37.93 -17.68
N VAL D 146 3.92 -37.57 -17.85
CA VAL D 146 4.58 -37.57 -19.16
C VAL D 146 5.91 -38.30 -19.00
N THR D 147 6.11 -39.36 -19.77
CA THR D 147 7.26 -40.23 -19.62
C THR D 147 7.93 -40.44 -20.96
N VAL D 148 9.26 -40.45 -20.97
CA VAL D 148 10.02 -40.83 -22.15
C VAL D 148 11.06 -41.87 -21.77
N SER D 149 11.22 -42.84 -22.66
CA SER D 149 12.12 -43.97 -22.39
C SER D 149 12.49 -44.61 -23.73
N SER D 150 13.68 -45.22 -23.74
CA SER D 150 14.22 -45.85 -24.94
C SER D 150 14.12 -47.36 -24.85
N ALA E 606 4.42 56.51 -20.54
CA ALA E 606 3.82 55.26 -20.97
C ALA E 606 4.89 54.23 -21.26
N LEU E 607 6.12 54.54 -20.85
CA LEU E 607 7.26 53.71 -21.18
C LEU E 607 7.33 52.43 -20.34
N THR E 608 6.84 52.45 -19.10
CA THR E 608 6.76 51.27 -18.26
C THR E 608 5.34 51.05 -17.77
N PHE E 609 4.37 51.17 -18.68
CA PHE E 609 3.01 50.77 -18.35
C PHE E 609 2.83 49.27 -18.35
N ILE E 610 3.85 48.52 -18.78
CA ILE E 610 3.78 47.06 -18.75
C ILE E 610 3.96 46.54 -17.33
N THR E 611 4.46 47.37 -16.43
CA THR E 611 4.59 46.95 -15.05
C THR E 611 3.26 47.01 -14.32
N TYR E 612 2.40 47.96 -14.69
CA TYR E 612 1.08 48.03 -14.09
C TYR E 612 0.21 46.89 -14.54
N ILE E 613 0.29 46.51 -15.82
CA ILE E 613 -0.47 45.36 -16.28
C ILE E 613 0.23 44.07 -15.86
N GLY E 614 1.51 44.13 -15.53
CA GLY E 614 2.23 42.94 -15.12
C GLY E 614 1.90 42.53 -13.69
N CYS E 615 2.15 43.44 -12.75
CA CYS E 615 1.83 43.17 -11.35
C CYS E 615 0.33 43.11 -11.14
N GLY E 616 -0.45 43.74 -12.00
CA GLY E 616 -1.88 43.56 -11.95
C GLY E 616 -2.35 42.21 -12.45
N LEU E 617 -1.50 41.49 -13.17
CA LEU E 617 -1.82 40.15 -13.66
C LEU E 617 -1.35 39.04 -12.74
N SER E 618 -0.16 39.20 -12.15
CA SER E 618 0.36 38.16 -11.26
C SER E 618 -0.44 38.11 -9.96
N SER E 619 -1.02 39.23 -9.55
CA SER E 619 -1.83 39.25 -8.34
C SER E 619 -3.16 38.54 -8.55
N ILE E 620 -3.61 38.40 -9.80
CA ILE E 620 -4.84 37.66 -10.06
C ILE E 620 -4.65 36.18 -9.79
N PHE E 621 -3.67 35.58 -10.45
CA PHE E 621 -3.50 34.14 -10.38
C PHE E 621 -2.83 33.69 -9.09
N LEU E 622 -2.20 34.62 -8.36
CA LEU E 622 -1.69 34.27 -7.04
C LEU E 622 -2.82 34.01 -6.06
N SER E 623 -3.93 34.73 -6.20
CA SER E 623 -5.09 34.43 -5.38
C SER E 623 -5.81 33.17 -5.85
N VAL E 624 -5.69 32.86 -7.14
CA VAL E 624 -6.30 31.64 -7.67
C VAL E 624 -5.55 30.41 -7.18
N THR E 625 -4.22 30.47 -7.16
CA THR E 625 -3.44 29.35 -6.66
C THR E 625 -3.44 29.26 -5.14
N LEU E 626 -3.92 30.28 -4.44
CA LEU E 626 -3.88 30.25 -2.98
C LEU E 626 -5.14 29.63 -2.41
N VAL E 627 -6.25 29.70 -3.14
CA VAL E 627 -7.49 29.13 -2.63
C VAL E 627 -7.60 27.66 -2.97
N THR E 628 -6.88 27.22 -4.00
CA THR E 628 -6.90 25.80 -4.35
C THR E 628 -5.91 25.00 -3.52
N TYR E 629 -5.05 25.66 -2.75
CA TYR E 629 -4.18 24.97 -1.82
C TYR E 629 -4.73 24.97 -0.39
N ILE E 630 -5.50 25.98 -0.01
CA ILE E 630 -5.99 26.03 1.37
C ILE E 630 -7.22 25.14 1.52
N ALA E 631 -8.02 25.01 0.46
CA ALA E 631 -9.29 24.31 0.58
C ALA E 631 -9.12 22.81 0.47
N PHE E 632 -8.19 22.36 -0.39
CA PHE E 632 -8.04 20.95 -0.67
C PHE E 632 -6.86 20.38 0.12
N GLU E 633 -7.18 19.42 1.01
CA GLU E 633 -6.25 18.94 2.02
C GLU E 633 -5.34 17.83 1.52
N LYS E 634 -5.63 17.28 0.35
CA LYS E 634 -4.81 16.21 -0.21
C LYS E 634 -3.54 16.68 -0.90
N ILE E 635 -3.33 18.00 -1.00
CA ILE E 635 -2.15 18.51 -1.68
C ILE E 635 -1.17 19.15 -0.71
N ARG E 636 -1.68 19.72 0.37
CA ARG E 636 -0.89 20.53 1.29
C ARG E 636 -0.25 19.72 2.40
N ARG E 637 0.09 18.45 2.15
CA ARG E 637 0.59 17.61 3.23
C ARG E 637 2.06 17.49 3.64
N ASP E 638 2.90 17.52 2.61
CA ASP E 638 4.33 17.46 2.71
C ASP E 638 4.87 18.88 2.63
N TYR E 639 6.03 19.03 3.24
CA TYR E 639 6.80 20.29 3.34
C TYR E 639 6.83 21.21 2.12
N PRO E 640 7.36 20.72 0.99
CA PRO E 640 7.46 21.49 -0.25
C PRO E 640 6.17 22.23 -0.63
N SER E 641 5.03 21.56 -0.53
CA SER E 641 3.74 22.18 -0.85
C SER E 641 3.31 23.23 0.16
N LYS E 642 3.80 23.13 1.39
CA LYS E 642 3.45 24.10 2.43
C LYS E 642 4.15 25.44 2.23
N ILE E 643 5.47 25.40 2.03
CA ILE E 643 6.22 26.63 1.81
C ILE E 643 5.65 27.40 0.63
N LEU E 644 4.94 26.71 -0.26
CA LEU E 644 4.31 27.36 -1.38
C LEU E 644 3.15 28.25 -0.95
N ILE E 645 2.45 27.91 0.13
CA ILE E 645 1.36 28.76 0.59
C ILE E 645 1.92 30.00 1.28
N GLN E 646 3.11 29.89 1.86
CA GLN E 646 3.70 31.04 2.54
C GLN E 646 4.38 31.98 1.56
N LEU E 647 5.00 31.43 0.50
CA LEU E 647 5.65 32.27 -0.47
C LEU E 647 4.64 32.99 -1.35
N CYS E 648 3.61 32.28 -1.80
CA CYS E 648 2.58 32.92 -2.62
C CYS E 648 1.71 33.88 -1.83
N ALA E 649 1.72 33.79 -0.50
CA ALA E 649 1.06 34.80 0.29
C ALA E 649 1.82 36.12 0.24
N ALA E 650 3.14 36.05 0.40
CA ALA E 650 3.94 37.26 0.51
C ALA E 650 4.08 37.95 -0.84
N LEU E 651 4.09 37.18 -1.92
CA LEU E 651 4.15 37.79 -3.25
C LEU E 651 2.85 38.48 -3.60
N LEU E 652 1.72 37.96 -3.08
CA LEU E 652 0.43 38.58 -3.36
C LEU E 652 0.32 39.94 -2.68
N LEU E 653 0.85 40.04 -1.46
CA LEU E 653 0.79 41.31 -0.75
C LEU E 653 1.76 42.32 -1.33
N LEU E 654 2.93 41.88 -1.79
CA LEU E 654 3.88 42.79 -2.41
C LEU E 654 3.36 43.29 -3.74
N ASN E 655 2.65 42.45 -4.50
CA ASN E 655 2.09 42.87 -5.77
C ASN E 655 0.84 43.72 -5.60
N LEU E 656 0.13 43.56 -4.49
CA LEU E 656 -1.09 44.34 -4.30
C LEU E 656 -0.78 45.74 -3.78
N ILE E 657 0.20 45.87 -2.88
CA ILE E 657 0.44 47.16 -2.27
C ILE E 657 1.25 48.04 -3.19
N PHE E 658 1.92 47.47 -4.19
CA PHE E 658 2.79 48.24 -5.07
C PHE E 658 1.96 49.11 -6.00
N LEU E 659 0.91 48.55 -6.58
CA LEU E 659 0.04 49.34 -7.43
C LEU E 659 -0.80 50.32 -6.61
N LEU E 660 -1.02 50.01 -5.33
CA LEU E 660 -1.66 50.98 -4.45
C LEU E 660 -0.72 52.12 -4.14
N ASP E 661 0.59 51.88 -4.22
CA ASP E 661 1.57 52.93 -4.03
C ASP E 661 1.80 53.73 -5.30
N SER E 662 1.13 53.39 -6.39
CA SER E 662 1.36 54.09 -7.65
C SER E 662 0.08 54.69 -8.23
N TRP E 663 -1.04 53.97 -8.15
CA TRP E 663 -2.26 54.45 -8.81
C TRP E 663 -2.95 55.52 -7.97
N ILE E 664 -3.28 55.21 -6.72
CA ILE E 664 -3.83 56.20 -5.79
C ILE E 664 -2.81 56.34 -4.67
N ALA E 665 -1.87 57.26 -4.84
CA ALA E 665 -0.83 57.55 -3.87
C ALA E 665 -0.79 59.04 -3.65
N LEU E 666 -1.97 59.61 -3.38
CA LEU E 666 -2.19 61.05 -3.33
C LEU E 666 -1.35 61.68 -2.23
N TYR E 667 -1.04 62.97 -2.40
CA TYR E 667 -0.10 63.61 -1.51
C TYR E 667 -0.70 63.87 -0.14
N ASN E 668 -0.60 62.89 0.75
CA ASN E 668 -0.78 63.17 2.16
C ASN E 668 0.42 63.95 2.67
N THR E 669 0.25 64.60 3.82
CA THR E 669 1.32 65.36 4.43
C THR E 669 2.48 64.45 4.86
N ARG E 670 2.26 63.60 5.85
CA ARG E 670 3.27 62.61 6.18
C ARG E 670 2.66 61.23 6.37
N GLY E 671 1.50 61.17 7.02
CA GLY E 671 0.97 59.95 7.62
C GLY E 671 0.65 58.81 6.68
N PHE E 672 -0.20 59.06 5.68
CA PHE E 672 -0.52 58.02 4.73
C PHE E 672 0.64 57.73 3.77
N CYS E 673 1.61 58.64 3.66
CA CYS E 673 2.74 58.38 2.78
C CYS E 673 3.80 57.52 3.46
N ILE E 674 4.10 57.81 4.72
CA ILE E 674 5.10 56.99 5.40
C ILE E 674 4.52 55.66 5.82
N ALA E 675 3.19 55.52 5.83
CA ALA E 675 2.57 54.25 6.17
C ALA E 675 2.78 53.23 5.06
N VAL E 676 2.56 53.63 3.81
CA VAL E 676 2.80 52.73 2.68
C VAL E 676 4.28 52.59 2.41
N ALA E 677 5.11 53.46 2.96
CA ALA E 677 6.56 53.39 2.73
C ALA E 677 7.19 52.22 3.47
N VAL E 678 6.64 51.87 4.63
CA VAL E 678 7.18 50.76 5.40
C VAL E 678 6.52 49.44 5.02
N PHE E 679 5.22 49.44 4.70
CA PHE E 679 4.56 48.20 4.35
C PHE E 679 4.81 47.79 2.92
N LEU E 680 5.55 48.60 2.15
CA LEU E 680 6.15 48.11 0.91
C LEU E 680 7.54 47.58 1.18
N HIS E 681 8.28 48.23 2.08
CA HIS E 681 9.61 47.80 2.43
C HIS E 681 9.58 46.49 3.20
N TYR E 682 8.55 46.29 4.01
CA TYR E 682 8.44 45.06 4.79
C TYR E 682 8.14 43.87 3.90
N PHE E 683 7.19 44.02 2.98
CA PHE E 683 6.80 42.91 2.12
C PHE E 683 7.83 42.59 1.06
N LEU E 684 8.68 43.55 0.70
CA LEU E 684 9.80 43.23 -0.17
C LEU E 684 10.82 42.36 0.56
N LEU E 685 10.96 42.55 1.86
CA LEU E 685 11.97 41.81 2.59
C LEU E 685 11.51 40.42 3.00
N VAL E 686 10.20 40.16 3.08
CA VAL E 686 9.77 38.80 3.41
C VAL E 686 9.86 37.92 2.18
N SER E 687 9.70 38.50 0.98
CA SER E 687 9.74 37.70 -0.23
C SER E 687 11.16 37.30 -0.59
N PHE E 688 12.13 38.11 -0.17
CA PHE E 688 13.52 37.73 -0.35
C PHE E 688 13.90 36.57 0.57
N THR E 689 13.42 36.61 1.81
CA THR E 689 13.80 35.62 2.80
C THR E 689 12.88 34.42 2.84
N TRP E 690 11.86 34.38 1.98
CA TRP E 690 11.15 33.12 1.84
C TRP E 690 11.74 32.28 0.71
N MET E 691 12.29 32.93 -0.31
CA MET E 691 13.01 32.21 -1.35
C MET E 691 14.31 31.62 -0.81
N GLY E 692 15.03 32.40 0.00
CA GLY E 692 16.23 31.91 0.64
C GLY E 692 15.98 30.90 1.73
N LEU E 693 14.73 30.78 2.19
CA LEU E 693 14.38 29.67 3.06
C LEU E 693 14.13 28.40 2.27
N GLU E 694 13.56 28.54 1.06
CA GLU E 694 13.34 27.36 0.23
C GLU E 694 14.61 26.80 -0.37
N ALA E 695 15.67 27.60 -0.46
CA ALA E 695 16.98 27.07 -0.78
C ALA E 695 17.64 26.45 0.44
N PHE E 696 17.15 26.74 1.63
CA PHE E 696 17.67 26.08 2.82
C PHE E 696 16.99 24.74 3.04
N HIS E 697 15.72 24.61 2.66
CA HIS E 697 15.04 23.33 2.76
C HIS E 697 15.62 22.33 1.78
N MET E 698 16.00 22.78 0.59
CA MET E 698 16.63 21.89 -0.38
C MET E 698 18.09 21.60 -0.05
N TYR E 699 18.66 22.26 0.95
CA TYR E 699 19.95 21.82 1.46
C TYR E 699 19.79 20.64 2.40
N LEU E 700 18.75 20.67 3.23
CA LEU E 700 18.46 19.55 4.12
C LEU E 700 17.86 18.37 3.38
N ALA E 701 17.34 18.58 2.19
CA ALA E 701 16.72 17.47 1.46
C ALA E 701 17.69 16.76 0.55
N LEU E 702 18.71 17.44 0.05
CA LEU E 702 19.54 16.89 -1.02
C LEU E 702 21.02 16.80 -0.70
N VAL E 703 21.53 17.59 0.24
CA VAL E 703 22.96 17.57 0.54
C VAL E 703 23.25 16.85 1.86
N LYS E 704 22.53 17.19 2.91
CA LYS E 704 22.62 16.49 4.19
C LYS E 704 21.32 15.71 4.34
N VAL E 705 21.34 14.46 3.90
CA VAL E 705 20.08 13.75 3.69
C VAL E 705 19.55 13.14 4.98
N PHE E 706 20.41 12.62 5.83
CA PHE E 706 19.96 11.89 7.01
C PHE E 706 19.80 12.83 8.21
N ASN E 707 19.00 12.38 9.18
CA ASN E 707 18.81 13.02 10.48
C ASN E 707 18.24 14.42 10.37
N THR E 708 17.41 14.65 9.36
CA THR E 708 16.75 15.94 9.21
C THR E 708 15.30 15.80 9.66
N TYR E 709 15.10 15.88 10.97
CA TYR E 709 13.76 16.01 11.51
C TYR E 709 13.83 16.88 12.75
N ILE E 710 13.21 18.05 12.69
CA ILE E 710 12.98 18.87 13.87
C ILE E 710 11.48 18.88 14.11
N ARG E 711 11.08 19.04 15.37
CA ARG E 711 9.73 18.66 15.76
C ARG E 711 8.69 19.66 15.29
N LYS E 712 9.04 20.93 15.22
CA LYS E 712 8.18 21.95 14.63
C LYS E 712 8.95 22.58 13.49
N TYR E 713 8.42 22.46 12.28
CA TYR E 713 9.16 22.83 11.08
C TYR E 713 8.62 24.10 10.45
N ILE E 714 7.35 24.11 10.08
CA ILE E 714 6.76 25.26 9.41
C ILE E 714 6.54 26.40 10.37
N LEU E 715 6.20 26.11 11.64
CA LEU E 715 6.09 27.18 12.62
C LEU E 715 7.45 27.72 13.00
N LYS E 716 8.51 26.94 12.86
CA LYS E 716 9.85 27.47 13.06
C LYS E 716 10.37 28.23 11.86
N PHE E 717 9.72 28.12 10.69
CA PHE E 717 10.13 28.92 9.54
C PHE E 717 9.36 30.23 9.48
N CYS E 718 8.07 30.21 9.84
CA CYS E 718 7.30 31.46 9.84
C CYS E 718 7.75 32.40 10.95
N ILE E 719 8.46 31.89 11.95
CA ILE E 719 9.14 32.79 12.87
C ILE E 719 10.36 33.42 12.20
N VAL E 720 11.14 32.64 11.48
CA VAL E 720 12.30 33.17 10.77
C VAL E 720 11.88 33.96 9.54
N GLY E 721 10.90 33.45 8.78
CA GLY E 721 10.55 34.09 7.51
C GLY E 721 9.80 35.39 7.69
N TRP E 722 8.73 35.38 8.47
CA TRP E 722 7.92 36.57 8.67
C TRP E 722 8.41 37.45 9.80
N GLY E 723 9.49 37.07 10.48
CA GLY E 723 9.89 37.79 11.67
C GLY E 723 11.16 38.61 11.58
N ILE E 724 12.17 38.10 10.88
CA ILE E 724 13.43 38.83 10.75
C ILE E 724 13.28 40.07 9.86
N PRO E 725 12.47 40.08 8.79
CA PRO E 725 12.11 41.37 8.19
C PRO E 725 11.31 42.29 9.10
N ALA E 726 10.62 41.76 10.09
CA ALA E 726 9.87 42.60 11.02
C ALA E 726 10.72 43.15 12.14
N VAL E 727 12.01 42.85 12.17
CA VAL E 727 12.91 43.37 13.19
C VAL E 727 14.04 44.18 12.57
N VAL E 728 14.31 43.98 11.29
CA VAL E 728 15.27 44.84 10.62
C VAL E 728 14.60 46.14 10.20
N VAL E 729 13.28 46.12 9.98
CA VAL E 729 12.61 47.32 9.53
C VAL E 729 12.39 48.27 10.71
N SER E 730 12.30 47.74 11.93
CA SER E 730 11.95 48.56 13.07
C SER E 730 13.14 49.38 13.55
N ILE E 731 14.34 48.81 13.45
CA ILE E 731 15.51 49.53 13.94
C ILE E 731 15.90 50.65 12.99
N VAL E 732 15.47 50.58 11.73
CA VAL E 732 15.71 51.70 10.83
C VAL E 732 14.51 52.65 10.85
N LEU E 733 13.39 52.22 11.45
CA LEU E 733 12.27 53.13 11.58
C LEU E 733 12.36 53.95 12.85
N THR E 734 12.86 53.35 13.93
CA THR E 734 12.90 54.04 15.21
C THR E 734 13.99 55.10 15.24
N ILE E 735 15.04 54.91 14.45
CA ILE E 735 16.09 55.93 14.43
C ILE E 735 15.66 57.13 13.60
N SER E 736 14.78 56.93 12.61
CA SER E 736 14.21 58.02 11.85
C SER E 736 12.90 57.59 11.19
N PRO E 737 11.76 58.15 11.59
CA PRO E 737 10.53 57.95 10.82
C PRO E 737 10.42 58.81 9.57
N ASP E 738 11.35 59.75 9.36
CA ASP E 738 11.36 60.58 8.16
C ASP E 738 12.09 59.84 7.04
N ASN E 739 11.44 58.80 6.54
CA ASN E 739 12.01 57.97 5.50
C ASN E 739 10.97 57.65 4.43
N TYR E 740 10.34 58.69 3.91
CA TYR E 740 9.53 58.60 2.71
C TYR E 740 9.71 59.87 1.91
N GLY E 741 9.38 59.80 0.62
CA GLY E 741 9.57 60.93 -0.27
C GLY E 741 8.25 61.63 -0.58
N ASP E 754 6.70 61.11 -9.40
CA ASP E 754 8.12 61.18 -9.04
C ASP E 754 8.30 61.18 -7.52
N ASP E 755 7.23 60.89 -6.80
CA ASP E 755 7.26 60.93 -5.34
C ASP E 755 7.38 59.53 -4.74
N PHE E 756 6.36 58.69 -4.94
CA PHE E 756 6.37 57.23 -4.80
C PHE E 756 6.48 56.71 -3.36
N CYS E 757 6.80 57.59 -2.40
CA CYS E 757 6.99 57.26 -0.98
C CYS E 757 7.93 56.07 -0.78
N TRP E 758 9.13 56.19 -1.31
CA TRP E 758 10.16 55.17 -1.21
C TRP E 758 11.07 55.48 -0.02
N ILE E 759 12.28 54.89 0.01
CA ILE E 759 13.21 54.95 1.14
C ILE E 759 13.55 56.38 1.52
N ASN E 760 13.81 57.23 0.53
CA ASN E 760 14.25 58.63 0.70
C ASN E 760 15.52 58.72 1.54
N SER E 761 16.44 57.78 1.30
CA SER E 761 17.74 57.76 1.95
C SER E 761 18.69 56.90 1.13
N ASN E 762 19.97 57.28 1.09
CA ASN E 762 20.91 56.56 0.27
C ASN E 762 21.67 55.49 1.03
N VAL E 763 21.96 55.73 2.32
CA VAL E 763 22.88 54.86 3.03
C VAL E 763 22.14 53.65 3.60
N VAL E 764 20.86 53.80 3.91
CA VAL E 764 20.13 52.66 4.48
C VAL E 764 19.56 51.79 3.36
N PHE E 765 19.39 52.37 2.16
CA PHE E 765 18.92 51.60 1.02
C PHE E 765 20.00 50.66 0.52
N TYR E 766 21.26 51.01 0.75
CA TYR E 766 22.35 50.07 0.49
C TYR E 766 22.31 48.92 1.48
N ILE E 767 21.81 49.17 2.70
CA ILE E 767 21.85 48.16 3.74
C ILE E 767 20.66 47.22 3.64
N THR E 768 19.44 47.74 3.77
CA THR E 768 18.29 46.88 3.93
C THR E 768 17.85 46.26 2.61
N VAL E 769 18.28 46.84 1.49
CA VAL E 769 17.86 46.29 0.20
C VAL E 769 19.02 45.62 -0.50
N VAL E 770 20.10 46.36 -0.77
CA VAL E 770 21.16 45.85 -1.63
C VAL E 770 22.01 44.84 -0.87
N GLY E 771 22.19 45.06 0.43
CA GLY E 771 22.99 44.14 1.21
C GLY E 771 22.24 42.86 1.54
N TYR E 772 20.98 42.98 1.92
CA TYR E 772 20.12 41.85 2.27
C TYR E 772 19.79 40.98 1.08
N PHE E 773 19.97 41.48 -0.14
CA PHE E 773 19.70 40.71 -1.34
C PHE E 773 20.90 39.89 -1.79
N CYS E 774 22.12 40.43 -1.67
CA CYS E 774 23.28 39.71 -2.19
C CYS E 774 23.67 38.56 -1.28
N VAL E 775 23.45 38.69 0.02
CA VAL E 775 23.77 37.60 0.93
C VAL E 775 22.74 36.49 0.83
N ILE E 776 21.56 36.79 0.29
CA ILE E 776 20.60 35.75 -0.02
C ILE E 776 20.87 35.13 -1.38
N PHE E 777 21.22 35.97 -2.36
CA PHE E 777 21.43 35.52 -3.73
C PHE E 777 22.63 34.58 -3.85
N LEU E 778 23.68 34.80 -3.05
CA LEU E 778 24.84 33.93 -3.12
C LEU E 778 24.62 32.61 -2.42
N LEU E 779 23.58 32.49 -1.60
CA LEU E 779 23.19 31.23 -1.00
C LEU E 779 21.94 30.66 -1.63
N ASN E 780 21.41 31.34 -2.65
CA ASN E 780 20.26 30.85 -3.40
C ASN E 780 20.66 30.34 -4.78
N VAL E 781 21.67 30.94 -5.40
CA VAL E 781 22.10 30.43 -6.71
C VAL E 781 23.01 29.22 -6.53
N SER E 782 23.56 29.03 -5.32
CA SER E 782 24.39 27.85 -5.07
C SER E 782 23.53 26.60 -5.03
N MET E 783 22.33 26.69 -4.50
CA MET E 783 21.40 25.57 -4.54
C MET E 783 20.66 25.44 -5.86
N PHE E 784 20.94 26.31 -6.81
CA PHE E 784 20.48 26.09 -8.18
C PHE E 784 21.52 25.37 -9.02
N ILE E 785 22.78 25.46 -8.62
CA ILE E 785 23.83 24.68 -9.28
C ILE E 785 24.01 23.32 -8.63
N VAL E 786 23.83 23.23 -7.30
CA VAL E 786 23.92 21.96 -6.59
C VAL E 786 22.82 21.01 -7.02
N VAL E 787 21.62 21.53 -7.29
CA VAL E 787 20.53 20.70 -7.78
C VAL E 787 20.80 20.24 -9.20
N LEU E 788 21.27 21.14 -10.06
CA LEU E 788 21.44 20.78 -11.48
C LEU E 788 22.64 19.88 -11.72
N VAL E 789 23.64 19.90 -10.83
CA VAL E 789 24.72 18.93 -10.91
C VAL E 789 24.20 17.53 -10.65
N GLN E 790 23.35 17.37 -9.64
CA GLN E 790 22.82 16.06 -9.31
C GLN E 790 21.77 15.57 -10.29
N LEU E 791 21.10 16.48 -11.00
CA LEU E 791 20.16 16.04 -12.03
C LEU E 791 20.87 15.59 -13.29
N CYS E 792 22.08 16.08 -13.54
CA CYS E 792 22.85 15.65 -14.68
C CYS E 792 23.73 14.46 -14.38
N ARG E 793 23.65 13.91 -13.17
CA ARG E 793 24.36 12.69 -12.83
C ARG E 793 23.48 11.46 -12.93
N ILE E 794 22.16 11.62 -12.92
CA ILE E 794 21.26 10.50 -13.08
C ILE E 794 20.55 10.51 -14.42
N LYS E 795 20.51 11.65 -15.12
CA LYS E 795 20.13 11.64 -16.52
C LYS E 795 21.22 11.02 -17.37
N LYS E 796 22.46 11.19 -16.93
CA LYS E 796 23.62 10.70 -17.67
C LYS E 796 23.93 9.23 -17.43
N LYS E 797 23.40 8.68 -16.33
CA LYS E 797 23.66 7.27 -16.02
C LYS E 797 22.65 6.37 -16.71
N LYS E 798 22.78 5.07 -16.48
CA LYS E 798 21.88 4.09 -17.08
C LYS E 798 20.60 3.96 -16.27
N SER E 807 15.31 13.37 -22.75
CA SER E 807 16.10 14.59 -22.77
C SER E 807 15.19 15.81 -22.81
N ILE E 808 13.91 15.57 -23.13
CA ILE E 808 12.90 16.62 -23.20
C ILE E 808 11.87 16.28 -22.12
N GLN E 809 11.02 17.28 -21.80
CA GLN E 809 10.03 17.26 -20.72
C GLN E 809 10.66 17.12 -19.35
N ASP E 810 11.91 17.56 -19.24
CA ASP E 810 12.45 18.07 -17.99
C ASP E 810 12.50 19.58 -17.96
N LEU E 811 12.40 20.23 -19.13
CA LEU E 811 12.40 21.68 -19.23
C LEU E 811 11.18 22.31 -18.57
N ARG E 812 10.08 21.55 -18.42
CA ARG E 812 8.95 22.05 -17.65
C ARG E 812 9.30 22.16 -16.18
N SER E 813 10.15 21.27 -15.67
CA SER E 813 10.57 21.27 -14.27
C SER E 813 11.72 22.25 -14.01
N ILE E 814 12.68 22.33 -14.93
CA ILE E 814 13.82 23.24 -14.75
C ILE E 814 13.37 24.70 -14.82
N ALA E 815 12.41 25.01 -15.68
CA ALA E 815 11.88 26.36 -15.73
C ALA E 815 11.01 26.68 -14.50
N GLY E 816 10.56 25.66 -13.78
CA GLY E 816 9.87 25.91 -12.53
C GLY E 816 10.80 26.26 -11.39
N LEU E 817 12.06 25.82 -11.47
CA LEU E 817 12.98 26.05 -10.37
C LEU E 817 13.54 27.46 -10.39
N THR E 818 13.64 28.08 -11.57
CA THR E 818 14.24 29.40 -11.66
C THR E 818 13.34 30.47 -11.06
N PHE E 819 12.03 30.28 -11.16
CA PHE E 819 11.10 31.26 -10.62
C PHE E 819 10.78 30.98 -9.16
N LEU E 820 10.84 29.70 -8.76
CA LEU E 820 10.65 29.34 -7.36
C LEU E 820 11.81 29.86 -6.52
N LEU E 821 13.03 29.62 -6.96
CA LEU E 821 14.20 30.17 -6.28
C LEU E 821 14.39 31.64 -6.58
N GLY E 822 13.75 32.18 -7.62
CA GLY E 822 13.78 33.59 -7.92
C GLY E 822 15.10 34.10 -8.45
N ILE E 823 15.64 33.44 -9.46
CA ILE E 823 16.94 33.83 -10.01
C ILE E 823 16.82 34.99 -10.98
N THR E 824 15.60 35.31 -11.42
CA THR E 824 15.41 36.33 -12.45
C THR E 824 15.52 37.76 -11.91
N TRP E 825 16.07 37.87 -10.71
CA TRP E 825 16.37 39.14 -10.12
C TRP E 825 17.84 39.43 -10.48
N GLY E 826 18.49 38.48 -11.16
CA GLY E 826 19.87 38.66 -11.55
C GLY E 826 20.08 39.63 -12.69
N PHE E 827 19.01 39.98 -13.42
CA PHE E 827 19.12 41.01 -14.44
C PHE E 827 19.34 42.39 -13.82
N ALA E 828 18.95 42.57 -12.56
CA ALA E 828 19.15 43.86 -11.91
C ALA E 828 20.61 44.06 -11.52
N PHE E 829 21.38 42.99 -11.43
CA PHE E 829 22.79 43.17 -11.12
C PHE E 829 23.41 43.90 -12.31
N PHE E 830 23.04 43.45 -13.50
CA PHE E 830 23.49 44.02 -14.77
C PHE E 830 23.02 45.45 -15.04
N ALA E 831 21.76 45.70 -14.68
CA ALA E 831 21.08 47.00 -14.92
C ALA E 831 21.73 48.14 -14.14
N TRP E 832 22.36 47.86 -12.99
CA TRP E 832 22.99 48.94 -12.19
C TRP E 832 23.99 49.72 -13.06
N GLY E 833 24.99 49.03 -13.62
CA GLY E 833 25.98 49.70 -14.50
C GLY E 833 25.27 50.47 -15.59
N PRO E 834 25.63 51.75 -15.84
CA PRO E 834 25.01 52.68 -16.82
C PRO E 834 23.92 52.16 -17.76
N VAL E 835 22.77 51.78 -17.19
CA VAL E 835 21.54 51.22 -17.85
C VAL E 835 21.89 50.23 -18.97
N ASN E 836 21.16 50.31 -20.09
CA ASN E 836 21.33 49.43 -21.27
C ASN E 836 20.48 49.98 -22.42
N VAL E 837 19.67 49.10 -23.03
CA VAL E 837 18.63 49.51 -24.02
C VAL E 837 17.37 48.69 -23.80
N THR E 838 17.52 47.42 -23.40
CA THR E 838 16.35 46.53 -23.17
C THR E 838 16.62 45.60 -21.98
N PHE E 839 17.89 45.41 -21.62
CA PHE E 839 18.22 44.53 -20.50
C PHE E 839 17.45 44.93 -19.25
N MET E 840 17.17 46.22 -19.10
CA MET E 840 16.27 46.64 -18.04
C MET E 840 14.82 46.34 -18.39
N TYR E 841 14.52 46.14 -19.67
CA TYR E 841 13.18 45.69 -20.06
C TYR E 841 12.98 44.21 -19.74
N LEU E 842 14.06 43.44 -19.65
CA LEU E 842 13.94 42.05 -19.25
C LEU E 842 13.70 41.92 -17.75
N PHE E 843 14.35 42.78 -16.95
CA PHE E 843 14.20 42.75 -15.51
C PHE E 843 12.79 43.16 -15.11
N ALA E 844 12.19 44.07 -15.86
CA ALA E 844 10.87 44.57 -15.50
C ALA E 844 9.78 43.56 -15.83
N ILE E 845 9.95 42.77 -16.88
CA ILE E 845 8.86 41.89 -17.30
C ILE E 845 8.98 40.50 -16.68
N PHE E 846 10.19 40.09 -16.28
CA PHE E 846 10.34 38.76 -15.70
C PHE E 846 9.88 38.76 -14.24
N ASN E 847 10.18 39.83 -13.51
CA ASN E 847 9.92 39.81 -12.08
C ASN E 847 8.53 40.32 -11.74
N THR E 848 7.82 40.85 -12.73
CA THR E 848 6.45 41.26 -12.47
C THR E 848 5.47 40.14 -12.74
N LEU E 849 5.92 39.07 -13.41
CA LEU E 849 5.07 37.94 -13.72
C LEU E 849 5.49 36.68 -12.99
N GLN E 850 6.18 36.83 -11.86
CA GLN E 850 6.67 35.67 -11.13
C GLN E 850 5.53 34.87 -10.53
N GLY E 851 4.57 35.57 -9.90
CA GLY E 851 3.41 34.89 -9.36
C GLY E 851 2.51 34.33 -10.43
N PHE E 852 2.56 34.90 -11.64
CA PHE E 852 1.88 34.28 -12.76
C PHE E 852 2.59 33.00 -13.21
N PHE E 853 3.91 32.98 -13.12
CA PHE E 853 4.67 31.81 -13.55
C PHE E 853 4.71 30.71 -12.49
N ILE E 854 4.49 31.06 -11.22
CA ILE E 854 4.37 30.02 -10.20
C ILE E 854 3.03 29.30 -10.34
N PHE E 855 2.02 30.00 -10.86
CA PHE E 855 0.72 29.40 -11.12
C PHE E 855 0.80 28.34 -12.21
N ILE E 856 1.48 28.65 -13.31
CA ILE E 856 1.41 27.75 -14.46
C ILE E 856 2.33 26.54 -14.29
N PHE E 857 3.22 26.56 -13.31
CA PHE E 857 4.12 25.43 -13.10
C PHE E 857 3.83 24.68 -11.81
N TYR E 858 3.14 25.30 -10.85
CA TYR E 858 2.89 24.65 -9.57
C TYR E 858 1.42 24.66 -9.19
N CYS E 859 0.54 25.09 -10.07
CA CYS E 859 -0.89 24.91 -9.86
C CYS E 859 -1.59 24.27 -11.04
N ALA E 860 -1.24 24.64 -12.26
CA ALA E 860 -1.96 24.15 -13.43
C ALA E 860 -1.27 23.01 -14.14
N ALA E 861 0.06 22.91 -14.05
CA ALA E 861 0.76 21.82 -14.72
C ALA E 861 0.57 20.49 -14.00
N LYS E 862 0.44 20.50 -12.68
CA LYS E 862 0.28 19.28 -11.91
C LYS E 862 -1.14 18.76 -12.07
N GLU E 863 -1.27 17.52 -12.58
CA GLU E 863 -2.60 16.97 -12.78
C GLU E 863 -3.15 16.40 -11.46
N ASN E 864 -2.27 16.23 -10.47
CA ASN E 864 -2.71 16.02 -9.09
C ASN E 864 -3.60 17.16 -8.60
N VAL E 865 -3.29 18.39 -9.00
CA VAL E 865 -4.17 19.51 -8.71
C VAL E 865 -5.36 19.51 -9.68
N ARG E 866 -5.14 19.07 -10.92
CA ARG E 866 -6.19 19.17 -11.93
C ARG E 866 -7.31 18.15 -11.72
N LYS E 867 -7.06 17.13 -10.89
CA LYS E 867 -8.14 16.22 -10.57
C LYS E 867 -8.94 16.66 -9.35
N GLN E 868 -8.70 17.87 -8.85
CA GLN E 868 -9.41 18.40 -7.69
C GLN E 868 -10.38 19.52 -8.08
N TRP E 869 -9.92 20.52 -8.83
CA TRP E 869 -10.81 21.61 -9.20
C TRP E 869 -11.75 21.21 -10.34
N ARG E 870 -11.26 20.43 -11.30
CA ARG E 870 -12.16 19.61 -12.10
C ARG E 870 -12.76 18.53 -11.19
N ARG E 871 -14.01 18.14 -11.49
CA ARG E 871 -15.00 17.35 -10.72
C ARG E 871 -15.65 18.26 -9.67
N TYR E 872 -15.29 19.55 -9.65
CA TYR E 872 -15.86 20.60 -8.78
C TYR E 872 -15.71 20.27 -7.30
#